data_3Q6G
#
_entry.id   3Q6G
#
_cell.length_a   77.836
_cell.length_b   72.817
_cell.length_c   88.898
_cell.angle_alpha   90.00
_cell.angle_beta   115.64
_cell.angle_gamma   90.00
#
_symmetry.space_group_name_H-M   'P 1 21 1'
#
loop_
_entity.id
_entity.type
_entity.pdbx_description
1 polymer 'Light chain of Fab of rhesus mAb 2.5B'
2 polymer 'Heavy chain of Fab of rhesus mAb 2.5B'
3 water water
#
loop_
_entity_poly.entity_id
_entity_poly.type
_entity_poly.pdbx_seq_one_letter_code
_entity_poly.pdbx_strand_id
1 'polypeptide(L)'
;YDLTQARSVSVSPGQTARVTCGGDNIGSKSVQWYQQKPPQAPVLVMSADDERSSGIPERFSGSNSGNTATLTISGVEAGD
EADYYCQVWDSSSHHMLFGGGTRLTVLGQPKAAPSVTLFPPSSEELQANKATLVCLISDFYPGAVEVAWKADGSAVNAGV
ETTKPSKQSNNKYAASSYLSLTSDQWKSHKSYSCQVTHEGSTVEKTVAP
;
L,M
2 'polypeptide(L)'
;QLQLQESGPGLVKPSETLSLTCAVSGGSISNNHWSWIRQPPGKGLEWIGLISGSGGSTDYNPSLKSRVTISTDTSKNQFS
LKLSSVTAADTAVYYCARIDVVITSHEDDFGDYYTGEYYGLDSWGQGVVVTVSSASTKGPSVFPLAPSSRSTSESTAALG
CLVKDYFPEPVTVSWNSGSLTSGVHTFPAVLQSSGLYSLSSVVTVPSSSLGTQTYVCNVNHKPSNTKVDKRVEI
;
H,I
#
# COMPACT_ATOMS: atom_id res chain seq x y z
N TYR A 1 -23.48 32.70 -3.92
CA TYR A 1 -24.48 32.18 -4.85
C TYR A 1 -24.37 30.65 -4.87
N ASP A 2 -25.49 29.97 -5.15
CA ASP A 2 -25.45 28.51 -5.20
C ASP A 2 -26.04 27.95 -6.49
N LEU A 3 -25.40 26.92 -7.02
CA LEU A 3 -25.93 26.20 -8.19
C LEU A 3 -26.21 24.75 -7.87
N THR A 4 -27.44 24.33 -8.13
CA THR A 4 -27.85 22.98 -7.76
C THR A 4 -28.02 22.05 -8.95
N GLN A 5 -27.45 20.87 -8.84
CA GLN A 5 -27.53 19.88 -9.91
C GLN A 5 -27.69 18.48 -9.33
N ALA A 6 -28.70 17.77 -9.80
CA ALA A 6 -28.87 16.38 -9.41
C ALA A 6 -27.63 15.59 -9.80
N ARG A 7 -27.21 14.67 -8.94
CA ARG A 7 -26.01 13.87 -9.16
C ARG A 7 -26.10 12.98 -10.39
N SER A 8 -27.30 12.54 -10.76
CA SER A 8 -27.42 11.66 -11.92
C SER A 8 -28.75 11.69 -12.65
N VAL A 9 -28.71 11.23 -13.90
CA VAL A 9 -29.88 11.15 -14.74
C VAL A 9 -29.69 9.94 -15.66
N SER A 10 -30.73 9.13 -15.79
CA SER A 10 -30.66 8.00 -16.71
C SER A 10 -31.79 8.08 -17.72
N VAL A 11 -31.50 7.68 -18.94
CA VAL A 11 -32.49 7.67 -20.01
C VAL A 11 -32.13 6.60 -21.02
N SER A 12 -33.12 6.11 -21.74
CA SER A 12 -32.89 5.09 -22.76
C SER A 12 -32.55 5.74 -24.10
N PRO A 13 -31.75 5.05 -24.92
CA PRO A 13 -31.35 5.58 -26.23
C PRO A 13 -32.56 6.08 -27.02
N GLY A 14 -32.40 7.23 -27.65
CA GLY A 14 -33.46 7.81 -28.45
C GLY A 14 -34.37 8.70 -27.64
N GLN A 15 -34.35 8.53 -26.32
CA GLN A 15 -35.16 9.34 -25.42
C GLN A 15 -34.55 10.72 -25.21
N THR A 16 -35.31 11.61 -24.57
CA THR A 16 -34.83 12.96 -24.30
C THR A 16 -34.33 13.07 -22.87
N ALA A 17 -33.13 13.63 -22.70
CA ALA A 17 -32.57 13.82 -21.37
C ALA A 17 -32.61 15.29 -20.97
N ARG A 18 -32.89 15.54 -19.70
CA ARG A 18 -33.01 16.89 -19.18
C ARG A 18 -32.11 17.09 -17.97
N VAL A 19 -31.15 18.00 -18.10
CA VAL A 19 -30.24 18.33 -17.01
C VAL A 19 -30.60 19.74 -16.55
N THR A 20 -30.84 19.88 -15.25
CA THR A 20 -31.34 21.13 -14.70
C THR A 20 -30.29 21.85 -13.87
N CYS A 21 -30.33 23.16 -13.95
CA CYS A 21 -29.42 23.99 -13.16
C CYS A 21 -30.24 25.03 -12.44
N GLY A 22 -30.40 24.84 -11.13
CA GLY A 22 -31.22 25.71 -10.34
C GLY A 22 -30.45 26.73 -9.54
N GLY A 23 -30.92 27.97 -9.58
CA GLY A 23 -30.34 29.05 -8.81
C GLY A 23 -31.31 30.21 -8.71
N ASP A 24 -31.36 30.84 -7.54
CA ASP A 24 -32.24 31.98 -7.30
C ASP A 24 -32.13 33.05 -8.38
N ASN A 25 -33.18 33.19 -9.16
CA ASN A 25 -33.20 34.11 -10.29
C ASN A 25 -32.04 33.90 -11.26
N ILE A 26 -31.66 32.64 -11.46
CA ILE A 26 -30.62 32.33 -12.43
C ILE A 26 -31.04 32.80 -13.81
N GLY A 27 -32.35 33.04 -13.98
CA GLY A 27 -32.89 33.49 -15.25
C GLY A 27 -32.35 34.83 -15.69
N SER A 28 -31.73 35.56 -14.75
CA SER A 28 -31.20 36.88 -15.05
C SER A 28 -29.71 36.82 -15.37
N LYS A 29 -29.14 35.61 -15.31
CA LYS A 29 -27.73 35.45 -15.62
C LYS A 29 -27.57 34.65 -16.89
N SER A 30 -26.40 34.72 -17.49
CA SER A 30 -26.10 33.96 -18.68
C SER A 30 -25.58 32.59 -18.23
N VAL A 31 -26.18 31.50 -18.72
CA VAL A 31 -25.72 30.17 -18.32
C VAL A 31 -24.90 29.46 -19.41
N GLN A 32 -23.76 28.90 -19.02
CA GLN A 32 -22.96 28.05 -19.89
C GLN A 32 -23.06 26.61 -19.44
N TRP A 33 -22.89 25.68 -20.37
CA TRP A 33 -22.92 24.26 -20.05
C TRP A 33 -21.65 23.59 -20.56
N TYR A 34 -21.06 22.72 -19.74
CA TYR A 34 -19.86 21.97 -20.10
C TYR A 34 -20.13 20.47 -20.06
N GLN A 35 -19.54 19.74 -21.00
CA GLN A 35 -19.59 18.30 -20.98
C GLN A 35 -18.19 17.80 -20.68
N GLN A 36 -18.07 16.86 -19.77
CA GLN A 36 -16.76 16.28 -19.47
C GLN A 36 -16.83 14.76 -19.42
N LYS A 37 -15.88 14.10 -20.07
CA LYS A 37 -15.72 12.65 -19.99
C LYS A 37 -14.38 12.35 -19.31
N PRO A 38 -14.36 12.38 -17.97
CA PRO A 38 -13.07 12.17 -17.30
C PRO A 38 -12.35 10.92 -17.83
N PRO A 39 -11.01 10.97 -17.93
CA PRO A 39 -10.20 12.09 -17.42
C PRO A 39 -9.97 13.22 -18.42
N GLN A 40 -10.65 13.20 -19.58
CA GLN A 40 -10.56 14.31 -20.54
C GLN A 40 -10.94 15.66 -19.92
N ALA A 41 -10.50 16.75 -20.52
CA ALA A 41 -10.88 18.09 -20.07
C ALA A 41 -12.32 18.41 -20.46
N PRO A 42 -12.97 19.34 -19.75
CA PRO A 42 -14.34 19.75 -20.08
C PRO A 42 -14.40 20.40 -21.46
N VAL A 43 -15.56 20.32 -22.09
CA VAL A 43 -15.77 20.94 -23.39
C VAL A 43 -17.01 21.85 -23.27
N LEU A 44 -16.89 23.09 -23.73
CA LEU A 44 -18.00 24.02 -23.72
C LEU A 44 -19.06 23.57 -24.73
N VAL A 45 -20.29 23.38 -24.26
CA VAL A 45 -21.40 22.87 -25.05
C VAL A 45 -22.33 24.02 -25.45
N MET A 46 -22.65 24.87 -24.48
CA MET A 46 -23.68 25.88 -24.70
C MET A 46 -23.24 27.14 -23.98
N SER A 47 -23.44 28.29 -24.61
CA SER A 47 -23.16 29.58 -23.98
C SER A 47 -24.40 30.47 -24.01
N ALA A 48 -24.43 31.45 -23.12
CA ALA A 48 -25.48 32.47 -23.16
C ALA A 48 -26.84 31.79 -23.23
N ASP A 49 -27.04 30.83 -22.34
CA ASP A 49 -28.30 30.11 -22.21
C ASP A 49 -28.56 29.07 -23.30
N ASP A 50 -28.36 29.44 -24.57
CA ASP A 50 -28.88 28.61 -25.65
C ASP A 50 -28.10 28.64 -26.96
N GLU A 51 -26.90 29.21 -26.97
CA GLU A 51 -26.11 29.26 -28.19
C GLU A 51 -25.08 28.14 -28.20
N ARG A 52 -25.24 27.18 -29.11
CA ARG A 52 -24.32 26.03 -29.22
C ARG A 52 -22.93 26.41 -29.69
N SER A 53 -21.89 25.82 -29.08
CA SER A 53 -20.54 25.95 -29.61
C SER A 53 -20.49 25.25 -30.96
N SER A 54 -19.53 25.64 -31.82
CA SER A 54 -19.40 25.01 -33.12
C SER A 54 -19.21 23.50 -32.97
N GLY A 55 -19.83 22.71 -33.84
CA GLY A 55 -19.64 21.26 -33.78
C GLY A 55 -20.54 20.54 -32.79
N ILE A 56 -21.31 21.29 -32.01
CA ILE A 56 -22.32 20.70 -31.12
C ILE A 56 -23.63 20.55 -31.89
N PRO A 57 -24.18 19.32 -31.96
CA PRO A 57 -25.33 19.07 -32.83
C PRO A 57 -26.62 19.72 -32.31
N GLU A 58 -27.53 20.02 -33.24
CA GLU A 58 -28.80 20.66 -32.89
C GLU A 58 -29.63 19.97 -31.79
N ARG A 59 -29.43 18.68 -31.58
CA ARG A 59 -30.23 17.95 -30.60
C ARG A 59 -29.89 18.35 -29.15
N PHE A 60 -28.86 19.17 -28.99
CA PHE A 60 -28.59 19.83 -27.72
C PHE A 60 -29.21 21.21 -27.73
N SER A 61 -30.04 21.52 -26.75
CA SER A 61 -30.59 22.87 -26.68
C SER A 61 -30.64 23.32 -25.24
N GLY A 62 -30.55 24.63 -25.03
CA GLY A 62 -30.56 25.19 -23.69
C GLY A 62 -31.70 26.17 -23.52
N SER A 63 -32.14 26.33 -22.28
CA SER A 63 -33.16 27.32 -21.96
C SER A 63 -32.85 27.89 -20.58
N ASN A 64 -33.32 29.09 -20.31
CA ASN A 64 -33.09 29.69 -19.01
C ASN A 64 -34.20 30.66 -18.64
N SER A 65 -34.82 30.43 -17.49
CA SER A 65 -35.88 31.31 -17.01
C SER A 65 -36.16 31.09 -15.52
N GLY A 66 -36.46 32.18 -14.84
CA GLY A 66 -36.79 32.11 -13.43
C GLY A 66 -35.67 31.60 -12.56
N ASN A 67 -35.89 30.43 -11.96
CA ASN A 67 -34.90 29.83 -11.06
C ASN A 67 -34.34 28.54 -11.62
N THR A 68 -34.52 28.31 -12.91
CA THR A 68 -33.99 27.08 -13.48
C THR A 68 -33.52 27.30 -14.91
N ALA A 69 -32.36 26.74 -15.23
CA ALA A 69 -31.87 26.71 -16.60
C ALA A 69 -31.79 25.25 -16.94
N THR A 70 -32.00 24.91 -18.19
CA THR A 70 -32.08 23.51 -18.56
C THR A 70 -31.24 23.21 -19.79
N LEU A 71 -30.53 22.09 -19.75
CA LEU A 71 -29.89 21.55 -20.94
C LEU A 71 -30.67 20.31 -21.37
N THR A 72 -31.23 20.36 -22.57
CA THR A 72 -32.02 19.28 -23.09
C THR A 72 -31.28 18.55 -24.20
N ILE A 73 -31.12 17.25 -24.05
CA ILE A 73 -30.48 16.45 -25.08
C ILE A 73 -31.50 15.47 -25.64
N SER A 74 -31.95 15.72 -26.85
CA SER A 74 -32.92 14.81 -27.45
C SER A 74 -32.19 13.71 -28.25
N GLY A 75 -32.89 12.62 -28.54
CA GLY A 75 -32.31 11.51 -29.24
C GLY A 75 -30.99 11.06 -28.62
N VAL A 76 -31.00 10.83 -27.31
CA VAL A 76 -29.78 10.45 -26.60
C VAL A 76 -29.12 9.18 -27.17
N GLU A 77 -27.80 9.24 -27.34
CA GLU A 77 -27.03 8.07 -27.77
C GLU A 77 -25.90 7.79 -26.79
N ALA A 78 -25.18 6.69 -27.02
CA ALA A 78 -24.12 6.28 -26.11
C ALA A 78 -23.04 7.35 -25.98
N GLY A 79 -22.76 8.05 -27.08
CA GLY A 79 -21.76 9.10 -27.08
C GLY A 79 -22.10 10.27 -26.17
N ASP A 80 -23.31 10.27 -25.61
CA ASP A 80 -23.76 11.36 -24.75
C ASP A 80 -23.49 11.12 -23.28
N GLU A 81 -23.09 9.90 -22.95
CA GLU A 81 -22.79 9.57 -21.57
C GLU A 81 -21.59 10.41 -21.13
N ALA A 82 -21.70 11.11 -20.01
CA ALA A 82 -20.73 12.12 -19.60
C ALA A 82 -21.25 12.85 -18.38
N ASP A 83 -20.41 13.67 -17.75
CA ASP A 83 -20.84 14.57 -16.69
C ASP A 83 -21.09 15.96 -17.28
N TYR A 84 -22.17 16.59 -16.87
CA TYR A 84 -22.54 17.90 -17.39
C TYR A 84 -22.56 18.94 -16.27
N TYR A 85 -21.81 20.03 -16.45
CA TYR A 85 -21.79 21.13 -15.46
C TYR A 85 -22.42 22.41 -15.98
N CYS A 86 -23.25 23.05 -15.15
CA CYS A 86 -23.69 24.40 -15.47
C CYS A 86 -22.78 25.40 -14.79
N GLN A 87 -22.76 26.61 -15.31
CA GLN A 87 -21.80 27.62 -14.85
C GLN A 87 -22.35 29.00 -15.12
N VAL A 88 -22.14 29.91 -14.18
CA VAL A 88 -22.51 31.32 -14.41
C VAL A 88 -21.45 32.28 -13.90
N TRP A 89 -21.54 33.52 -14.36
CA TRP A 89 -20.74 34.60 -13.85
C TRP A 89 -21.61 35.56 -13.04
N ASP A 90 -21.22 35.80 -11.79
CA ASP A 90 -21.94 36.77 -10.97
C ASP A 90 -21.21 38.12 -10.98
N SER A 91 -21.68 39.03 -11.82
CA SER A 91 -21.00 40.31 -12.01
C SER A 91 -20.99 41.18 -10.76
N SER A 92 -21.98 41.00 -9.89
CA SER A 92 -22.03 41.79 -8.66
C SER A 92 -20.76 41.58 -7.85
N SER A 93 -20.38 40.33 -7.62
CA SER A 93 -19.20 40.04 -6.78
C SER A 93 -17.98 39.55 -7.57
N HIS A 94 -18.13 39.41 -8.88
CA HIS A 94 -17.05 38.90 -9.73
C HIS A 94 -16.59 37.52 -9.30
N HIS A 95 -17.50 36.55 -9.33
CA HIS A 95 -17.17 35.19 -8.98
C HIS A 95 -17.79 34.27 -10.03
N MET A 96 -17.04 33.26 -10.46
CA MET A 96 -17.58 32.26 -11.37
C MET A 96 -18.04 31.07 -10.58
N LEU A 97 -19.27 30.65 -10.83
CA LEU A 97 -19.85 29.55 -10.07
C LEU A 97 -20.19 28.39 -10.99
N PHE A 98 -19.89 27.19 -10.51
CA PHE A 98 -20.24 25.95 -11.18
C PHE A 98 -21.23 25.15 -10.36
N GLY A 99 -22.12 24.43 -11.04
CA GLY A 99 -22.93 23.42 -10.39
C GLY A 99 -22.07 22.19 -10.06
N GLY A 100 -22.60 21.29 -9.25
CA GLY A 100 -21.86 20.12 -8.81
C GLY A 100 -21.64 19.09 -9.90
N GLY A 101 -22.38 19.23 -10.99
CA GLY A 101 -22.29 18.31 -12.11
C GLY A 101 -23.33 17.21 -12.07
N THR A 102 -23.86 16.85 -13.23
CA THR A 102 -24.84 15.77 -13.34
C THR A 102 -24.29 14.67 -14.24
N ARG A 103 -24.22 13.45 -13.72
CA ARG A 103 -23.76 12.33 -14.53
C ARG A 103 -24.92 11.69 -15.27
N LEU A 104 -24.84 11.69 -16.59
CA LEU A 104 -25.88 11.14 -17.43
C LEU A 104 -25.50 9.73 -17.84
N THR A 105 -26.37 8.76 -17.56
CA THR A 105 -26.14 7.39 -18.01
C THR A 105 -27.20 6.96 -19.02
N VAL A 106 -26.77 6.34 -20.11
CA VAL A 106 -27.69 5.81 -21.10
C VAL A 106 -28.02 4.36 -20.76
N LEU A 107 -29.29 4.09 -20.52
CA LEU A 107 -29.71 2.75 -20.09
C LEU A 107 -29.83 1.79 -21.25
N GLY A 108 -29.90 0.50 -20.93
CA GLY A 108 -30.10 -0.53 -21.95
C GLY A 108 -28.80 -1.07 -22.52
N GLN A 109 -27.68 -0.69 -21.93
CA GLN A 109 -26.41 -1.24 -22.38
C GLN A 109 -26.38 -2.69 -21.97
N PRO A 110 -26.09 -3.57 -22.93
CA PRO A 110 -26.11 -5.02 -22.69
C PRO A 110 -25.01 -5.42 -21.73
N LYS A 111 -25.26 -6.48 -20.96
CA LYS A 111 -24.25 -7.05 -20.10
C LYS A 111 -23.06 -7.51 -20.95
N ALA A 112 -21.85 -7.17 -20.53
CA ALA A 112 -20.65 -7.64 -21.23
C ALA A 112 -19.65 -8.24 -20.24
N ALA A 113 -19.28 -9.50 -20.48
CA ALA A 113 -18.30 -10.20 -19.66
C ALA A 113 -16.89 -9.61 -19.83
N PRO A 114 -16.10 -9.63 -18.75
CA PRO A 114 -14.76 -9.06 -18.86
C PRO A 114 -13.83 -9.89 -19.73
N SER A 115 -12.95 -9.21 -20.45
CA SER A 115 -11.81 -9.87 -21.05
C SER A 115 -10.67 -9.73 -20.09
N VAL A 116 -9.87 -10.78 -19.98
CA VAL A 116 -8.82 -10.85 -18.98
C VAL A 116 -7.51 -11.28 -19.61
N THR A 117 -6.44 -10.55 -19.29
CA THR A 117 -5.10 -10.88 -19.74
C THR A 117 -4.24 -10.95 -18.48
N LEU A 118 -3.43 -11.98 -18.34
CA LEU A 118 -2.60 -12.13 -17.16
C LEU A 118 -1.15 -12.23 -17.61
N PHE A 119 -0.27 -11.41 -17.04
CA PHE A 119 1.15 -11.48 -17.36
C PHE A 119 1.98 -11.97 -16.16
N PRO A 120 2.98 -12.83 -16.43
CA PRO A 120 3.93 -13.23 -15.39
C PRO A 120 4.99 -12.16 -15.23
N PRO A 121 5.84 -12.27 -14.20
CA PRO A 121 6.96 -11.33 -14.06
C PRO A 121 7.96 -11.44 -15.20
N SER A 122 8.61 -10.33 -15.54
CA SER A 122 9.62 -10.35 -16.59
C SER A 122 10.94 -10.84 -16.04
N SER A 123 11.80 -11.33 -16.91
CA SER A 123 13.15 -11.72 -16.51
C SER A 123 13.80 -10.59 -15.75
N GLU A 124 13.69 -9.39 -16.32
CA GLU A 124 14.30 -8.21 -15.73
C GLU A 124 13.90 -8.04 -14.28
N GLU A 125 12.60 -8.14 -13.99
CA GLU A 125 12.15 -7.94 -12.62
C GLU A 125 12.63 -9.04 -11.68
N LEU A 126 12.70 -10.27 -12.16
CA LEU A 126 13.09 -11.36 -11.30
C LEU A 126 14.57 -11.29 -10.91
N GLN A 127 15.42 -10.80 -11.82
CA GLN A 127 16.84 -10.66 -11.47
C GLN A 127 17.09 -9.51 -10.50
N ALA A 128 16.02 -8.83 -10.11
CA ALA A 128 16.06 -7.88 -9.02
C ALA A 128 15.30 -8.45 -7.83
N ASN A 129 15.07 -9.76 -7.88
CA ASN A 129 14.43 -10.48 -6.76
C ASN A 129 12.97 -10.18 -6.50
N LYS A 130 12.28 -9.66 -7.51
CA LYS A 130 10.88 -9.29 -7.35
C LYS A 130 10.07 -10.04 -8.39
N ALA A 131 8.77 -10.16 -8.15
CA ALA A 131 7.89 -10.77 -9.14
C ALA A 131 6.51 -10.17 -9.00
N THR A 132 6.12 -9.38 -10.00
CA THR A 132 4.78 -8.80 -10.02
C THR A 132 3.94 -9.46 -11.12
N LEU A 133 2.81 -10.05 -10.74
CA LEU A 133 1.90 -10.61 -11.74
C LEU A 133 0.82 -9.58 -12.01
N VAL A 134 0.50 -9.42 -13.30
CA VAL A 134 -0.42 -8.38 -13.73
C VAL A 134 -1.62 -8.95 -14.45
N CYS A 135 -2.80 -8.62 -13.94
CA CYS A 135 -4.06 -9.14 -14.43
C CYS A 135 -4.89 -7.95 -14.87
N LEU A 136 -5.09 -7.84 -16.19
CA LEU A 136 -5.73 -6.68 -16.80
C LEU A 136 -7.11 -7.10 -17.25
N ILE A 137 -8.10 -6.31 -16.86
CA ILE A 137 -9.50 -6.72 -16.98
C ILE A 137 -10.25 -5.65 -17.74
N SER A 138 -10.77 -5.98 -18.91
CA SER A 138 -11.36 -4.92 -19.74
C SER A 138 -12.72 -5.23 -20.38
N ASP A 139 -13.38 -4.17 -20.85
CA ASP A 139 -14.59 -4.28 -21.62
C ASP A 139 -15.76 -4.93 -20.91
N PHE A 140 -15.93 -4.67 -19.62
CA PHE A 140 -17.09 -5.23 -18.92
C PHE A 140 -18.17 -4.21 -18.61
N TYR A 141 -19.40 -4.69 -18.54
CA TYR A 141 -20.54 -3.86 -18.14
C TYR A 141 -21.60 -4.78 -17.54
N PRO A 142 -22.19 -4.40 -16.40
CA PRO A 142 -21.98 -3.17 -15.61
C PRO A 142 -20.58 -3.10 -15.01
N GLY A 143 -20.25 -1.95 -14.43
CA GLY A 143 -18.88 -1.71 -13.99
C GLY A 143 -18.56 -2.20 -12.59
N ALA A 144 -18.60 -3.51 -12.40
CA ALA A 144 -18.32 -4.09 -11.08
C ALA A 144 -17.79 -5.51 -11.25
N VAL A 145 -16.61 -5.77 -10.67
CA VAL A 145 -16.06 -7.12 -10.69
C VAL A 145 -15.49 -7.43 -9.34
N GLU A 146 -15.29 -8.72 -9.09
CA GLU A 146 -14.51 -9.17 -7.95
C GLU A 146 -13.38 -10.04 -8.47
N VAL A 147 -12.19 -9.88 -7.91
CA VAL A 147 -11.01 -10.57 -8.38
C VAL A 147 -10.41 -11.39 -7.26
N ALA A 148 -10.07 -12.65 -7.55
CA ALA A 148 -9.44 -13.51 -6.56
C ALA A 148 -8.23 -14.20 -7.18
N TRP A 149 -7.14 -14.23 -6.42
CA TRP A 149 -5.92 -14.87 -6.89
C TRP A 149 -5.72 -16.21 -6.22
N LYS A 150 -5.13 -17.15 -6.94
CA LYS A 150 -4.85 -18.47 -6.39
C LYS A 150 -3.46 -18.97 -6.75
N ALA A 151 -2.85 -19.69 -5.83
CA ALA A 151 -1.56 -20.33 -6.10
C ALA A 151 -1.68 -21.84 -5.93
N ASP A 152 -1.45 -22.59 -7.00
CA ASP A 152 -1.67 -24.02 -7.01
C ASP A 152 -3.01 -24.37 -6.36
N GLY A 153 -4.05 -23.62 -6.74
CA GLY A 153 -5.40 -23.92 -6.31
C GLY A 153 -5.81 -23.33 -4.98
N SER A 154 -4.82 -23.08 -4.11
CA SER A 154 -5.13 -22.49 -2.82
C SER A 154 -5.19 -20.97 -2.92
N ALA A 155 -6.25 -20.40 -2.36
CA ALA A 155 -6.43 -18.96 -2.35
C ALA A 155 -5.14 -18.27 -1.95
N VAL A 156 -4.90 -17.09 -2.53
CA VAL A 156 -3.73 -16.30 -2.17
C VAL A 156 -4.13 -15.12 -1.34
N ASN A 157 -3.33 -14.80 -0.33
CA ASN A 157 -3.55 -13.63 0.49
C ASN A 157 -2.35 -13.32 1.38
N ALA A 158 -1.72 -12.18 1.12
CA ALA A 158 -2.12 -11.36 -0.02
C ALA A 158 -0.92 -10.96 -0.87
N GLY A 159 -0.58 -9.67 -0.84
CA GLY A 159 0.31 -9.11 -1.84
C GLY A 159 -0.51 -8.66 -3.04
N VAL A 160 -1.83 -8.62 -2.85
CA VAL A 160 -2.79 -8.31 -3.91
C VAL A 160 -3.34 -6.90 -3.75
N GLU A 161 -3.34 -6.13 -4.84
CA GLU A 161 -4.04 -4.85 -4.85
C GLU A 161 -4.79 -4.65 -6.18
N THR A 162 -6.02 -4.17 -6.10
CA THR A 162 -6.95 -4.12 -7.23
C THR A 162 -7.52 -2.72 -7.37
N THR A 163 -7.53 -2.18 -8.58
CA THR A 163 -8.10 -0.87 -8.82
C THR A 163 -9.63 -0.89 -8.77
N LYS A 164 -10.21 0.28 -8.56
CA LYS A 164 -11.63 0.46 -8.81
C LYS A 164 -11.86 0.44 -10.32
N PRO A 165 -13.06 0.00 -10.75
CA PRO A 165 -13.36 0.04 -12.18
C PRO A 165 -13.40 1.47 -12.71
N SER A 166 -12.92 1.68 -13.92
CA SER A 166 -12.98 3.00 -14.53
C SER A 166 -13.56 2.90 -15.92
N LYS A 167 -14.31 3.91 -16.30
CA LYS A 167 -15.03 3.86 -17.54
C LYS A 167 -14.08 4.10 -18.72
N GLN A 168 -14.17 3.22 -19.73
CA GLN A 168 -13.39 3.34 -20.95
C GLN A 168 -14.10 4.31 -21.90
N SER A 169 -13.47 4.60 -23.02
CA SER A 169 -14.05 5.51 -24.00
C SER A 169 -15.27 4.90 -24.70
N ASN A 170 -15.37 3.57 -24.70
CA ASN A 170 -16.49 2.91 -25.37
C ASN A 170 -17.63 2.57 -24.40
N ASN A 171 -17.57 3.17 -23.21
CA ASN A 171 -18.63 3.06 -22.20
C ASN A 171 -18.68 1.75 -21.42
N LYS A 172 -17.77 0.84 -21.72
CA LYS A 172 -17.55 -0.32 -20.87
C LYS A 172 -16.49 0.02 -19.82
N TYR A 173 -16.23 -0.89 -18.90
CA TYR A 173 -15.31 -0.63 -17.79
C TYR A 173 -14.03 -1.44 -17.85
N ALA A 174 -12.99 -0.93 -17.19
CA ALA A 174 -11.71 -1.62 -17.07
C ALA A 174 -11.24 -1.60 -15.62
N ALA A 175 -10.40 -2.55 -15.27
CA ALA A 175 -9.77 -2.58 -13.96
C ALA A 175 -8.49 -3.38 -14.08
N SER A 176 -7.66 -3.32 -13.07
CA SER A 176 -6.51 -4.21 -13.00
C SER A 176 -6.22 -4.62 -11.57
N SER A 177 -5.57 -5.77 -11.44
CA SER A 177 -5.17 -6.29 -10.16
C SER A 177 -3.74 -6.78 -10.25
N TYR A 178 -2.98 -6.55 -9.19
CA TYR A 178 -1.57 -6.89 -9.17
C TYR A 178 -1.25 -7.82 -8.01
N LEU A 179 -0.47 -8.86 -8.28
CA LEU A 179 0.05 -9.71 -7.22
C LEU A 179 1.55 -9.47 -7.07
N SER A 180 1.94 -8.84 -5.97
CA SER A 180 3.36 -8.54 -5.73
C SER A 180 4.03 -9.60 -4.87
N LEU A 181 5.05 -10.27 -5.42
CA LEU A 181 5.70 -11.39 -4.76
C LEU A 181 7.21 -11.28 -4.83
N THR A 182 7.91 -12.08 -4.04
CA THR A 182 9.36 -12.15 -4.17
C THR A 182 9.68 -13.18 -5.23
N SER A 183 10.87 -13.06 -5.80
CA SER A 183 11.33 -14.01 -6.80
C SER A 183 11.22 -15.44 -6.26
N ASP A 184 11.62 -15.63 -5.01
CA ASP A 184 11.54 -16.95 -4.37
C ASP A 184 10.10 -17.45 -4.28
N GLN A 185 9.22 -16.61 -3.75
CA GLN A 185 7.80 -16.94 -3.68
C GLN A 185 7.23 -17.39 -5.02
N TRP A 186 7.58 -16.66 -6.07
CA TRP A 186 7.08 -16.95 -7.39
C TRP A 186 7.55 -18.33 -7.85
N LYS A 187 8.79 -18.68 -7.53
CA LYS A 187 9.31 -19.97 -7.98
C LYS A 187 8.79 -21.15 -7.16
N SER A 188 8.12 -20.88 -6.05
CA SER A 188 7.72 -21.94 -5.14
C SER A 188 6.42 -22.66 -5.53
N HIS A 189 5.64 -22.05 -6.40
CA HIS A 189 4.38 -22.66 -6.84
C HIS A 189 4.42 -23.06 -8.30
N LYS A 190 3.67 -24.09 -8.63
CA LYS A 190 3.65 -24.58 -10.00
C LYS A 190 2.77 -23.71 -10.90
N SER A 191 1.74 -23.10 -10.31
CA SER A 191 0.77 -22.36 -11.09
C SER A 191 0.15 -21.23 -10.27
N TYR A 192 -0.10 -20.09 -10.92
CA TYR A 192 -0.86 -18.99 -10.33
C TYR A 192 -2.05 -18.67 -11.23
N SER A 193 -3.15 -18.21 -10.65
CA SER A 193 -4.31 -17.88 -11.46
C SER A 193 -5.02 -16.62 -10.96
N CYS A 194 -5.59 -15.88 -11.90
CA CYS A 194 -6.39 -14.69 -11.62
C CYS A 194 -7.81 -15.03 -12.01
N GLN A 195 -8.73 -14.97 -11.05
CA GLN A 195 -10.14 -15.30 -11.28
C GLN A 195 -11.03 -14.09 -11.10
N VAL A 196 -11.75 -13.74 -12.16
CA VAL A 196 -12.56 -12.53 -12.17
C VAL A 196 -14.02 -12.89 -12.23
N THR A 197 -14.79 -12.40 -11.26
CA THR A 197 -16.20 -12.70 -11.20
C THR A 197 -17.02 -11.48 -11.57
N HIS A 198 -17.97 -11.69 -12.47
CA HIS A 198 -18.82 -10.62 -12.97
C HIS A 198 -20.25 -11.12 -13.20
N GLU A 199 -21.21 -10.52 -12.51
CA GLU A 199 -22.61 -10.89 -12.68
C GLU A 199 -22.79 -12.40 -12.55
N GLY A 200 -22.22 -12.97 -11.50
CA GLY A 200 -22.38 -14.39 -11.24
C GLY A 200 -21.63 -15.37 -12.13
N SER A 201 -20.86 -14.88 -13.08
CA SER A 201 -20.03 -15.77 -13.89
C SER A 201 -18.56 -15.40 -13.70
N THR A 202 -17.67 -16.36 -13.91
CA THR A 202 -16.25 -16.13 -13.66
C THR A 202 -15.41 -16.40 -14.89
N VAL A 203 -14.28 -15.70 -14.98
CA VAL A 203 -13.29 -15.89 -16.03
C VAL A 203 -11.94 -16.06 -15.33
N GLU A 204 -11.22 -17.12 -15.67
CA GLU A 204 -9.93 -17.36 -15.03
C GLU A 204 -8.80 -17.48 -16.04
N LYS A 205 -7.63 -16.95 -15.68
CA LYS A 205 -6.42 -17.04 -16.48
C LYS A 205 -5.32 -17.56 -15.57
N THR A 206 -4.40 -18.32 -16.15
CA THR A 206 -3.35 -19.00 -15.42
C THR A 206 -1.96 -18.66 -15.98
N VAL A 207 -0.97 -18.55 -15.10
CA VAL A 207 0.42 -18.42 -15.53
C VAL A 207 1.29 -19.34 -14.69
N ALA A 208 2.42 -19.78 -15.25
CA ALA A 208 3.30 -20.69 -14.52
C ALA A 208 4.79 -20.35 -14.68
N PRO A 209 5.55 -20.41 -13.57
CA PRO A 209 6.97 -20.09 -13.55
C PRO A 209 7.79 -20.78 -14.64
N GLN B 1 -4.96 28.15 -34.41
CA GLN B 1 -5.54 27.24 -33.42
C GLN B 1 -4.93 27.45 -32.04
N LEU B 2 -5.70 28.05 -31.15
CA LEU B 2 -5.30 28.28 -29.77
C LEU B 2 -5.02 26.96 -29.04
N GLN B 3 -3.79 26.76 -28.58
CA GLN B 3 -3.43 25.58 -27.80
C GLN B 3 -2.83 25.99 -26.46
N LEU B 4 -3.40 25.50 -25.36
CA LEU B 4 -2.88 25.84 -24.03
C LEU B 4 -2.27 24.58 -23.42
N GLN B 5 -1.16 24.76 -22.72
CA GLN B 5 -0.50 23.64 -22.04
C GLN B 5 0.00 24.07 -20.68
N GLU B 6 -0.57 23.45 -19.64
CA GLU B 6 -0.17 23.72 -18.27
C GLU B 6 1.15 23.02 -18.00
N SER B 7 2.00 23.63 -17.19
CA SER B 7 3.16 22.91 -16.70
C SER B 7 3.54 23.39 -15.31
N GLY B 8 4.33 22.60 -14.60
CA GLY B 8 4.78 22.99 -13.29
C GLY B 8 4.98 21.77 -12.42
N PRO B 9 5.67 21.94 -11.28
CA PRO B 9 5.90 20.84 -10.35
C PRO B 9 4.61 20.11 -10.04
N GLY B 10 4.66 18.79 -10.05
CA GLY B 10 3.52 17.97 -9.69
C GLY B 10 3.44 17.65 -8.21
N LEU B 11 4.55 17.85 -7.49
CA LEU B 11 4.59 17.56 -6.06
C LEU B 11 4.85 18.85 -5.30
N VAL B 12 3.92 19.24 -4.43
CA VAL B 12 4.18 20.39 -3.58
C VAL B 12 4.11 19.96 -2.12
N LYS B 13 5.06 20.41 -1.30
CA LYS B 13 5.03 20.12 0.12
C LYS B 13 3.98 20.95 0.82
N PRO B 14 3.26 20.36 1.77
CA PRO B 14 2.26 21.11 2.52
C PRO B 14 2.86 22.40 3.07
N SER B 15 2.07 23.47 3.06
CA SER B 15 2.49 24.81 3.50
C SER B 15 3.38 25.55 2.51
N GLU B 16 3.79 24.91 1.43
CA GLU B 16 4.62 25.60 0.43
C GLU B 16 3.76 26.26 -0.68
N THR B 17 4.42 26.78 -1.71
CA THR B 17 3.71 27.50 -2.76
C THR B 17 3.62 26.71 -4.06
N LEU B 18 2.40 26.60 -4.60
CA LEU B 18 2.21 25.96 -5.90
C LEU B 18 2.39 27.00 -7.01
N SER B 19 3.28 26.70 -7.96
CA SER B 19 3.48 27.56 -9.13
C SER B 19 3.25 26.80 -10.43
N LEU B 20 2.31 27.27 -11.24
CA LEU B 20 2.00 26.62 -12.52
C LEU B 20 2.10 27.66 -13.63
N THR B 21 2.44 27.21 -14.83
CA THR B 21 2.46 28.10 -15.98
C THR B 21 1.55 27.55 -17.05
N CYS B 22 0.95 28.44 -17.85
CA CYS B 22 0.18 27.99 -19.02
C CYS B 22 0.82 28.61 -20.26
N ALA B 23 1.44 27.77 -21.08
CA ALA B 23 2.01 28.23 -22.35
C ALA B 23 0.91 28.32 -23.41
N VAL B 24 0.79 29.49 -24.03
CA VAL B 24 -0.22 29.70 -25.04
C VAL B 24 0.41 29.75 -26.43
N SER B 25 -0.12 28.95 -27.34
CA SER B 25 0.37 28.97 -28.72
C SER B 25 -0.81 29.15 -29.66
N GLY B 26 -0.54 29.71 -30.84
CA GLY B 26 -1.58 29.89 -31.83
C GLY B 26 -2.37 31.14 -31.56
N GLY B 27 -1.81 32.04 -30.75
CA GLY B 27 -2.49 33.27 -30.44
C GLY B 27 -1.82 34.02 -29.31
N SER B 28 -2.10 35.32 -29.23
CA SER B 28 -1.40 36.19 -28.30
C SER B 28 -2.10 36.28 -26.95
N ILE B 29 -1.31 36.23 -25.88
CA ILE B 29 -1.82 36.45 -24.53
C ILE B 29 -2.61 37.75 -24.42
N SER B 30 -2.12 38.83 -25.03
CA SER B 30 -2.72 40.15 -24.80
C SER B 30 -4.13 40.31 -25.41
N ASN B 31 -4.51 39.40 -26.29
CA ASN B 31 -5.76 39.51 -27.02
C ASN B 31 -6.91 38.68 -26.45
N ASN B 32 -6.77 38.25 -25.20
CA ASN B 32 -7.82 37.45 -24.58
C ASN B 32 -7.86 37.62 -23.06
N HIS B 33 -8.88 37.04 -22.43
CA HIS B 33 -8.86 36.81 -20.99
C HIS B 33 -8.62 35.33 -20.77
N TRP B 34 -7.99 35.01 -19.63
CA TRP B 34 -7.49 33.67 -19.34
C TRP B 34 -7.86 33.30 -17.91
N SER B 35 -8.07 32.01 -17.65
CA SER B 35 -8.59 31.61 -16.36
C SER B 35 -7.93 30.32 -15.90
N TRP B 36 -7.90 30.12 -14.58
CA TRP B 36 -7.49 28.85 -14.00
C TRP B 36 -8.69 28.19 -13.30
N ILE B 37 -8.81 26.88 -13.47
CA ILE B 37 -9.89 26.09 -12.85
C ILE B 37 -9.26 24.85 -12.27
N ARG B 38 -9.78 24.32 -11.16
CA ARG B 38 -9.26 23.04 -10.68
C ARG B 38 -10.36 22.03 -10.38
N GLN B 39 -9.96 20.78 -10.32
CA GLN B 39 -10.90 19.70 -10.10
C GLN B 39 -10.25 18.61 -9.23
N PRO B 40 -10.64 18.56 -7.95
CA PRO B 40 -10.15 17.49 -7.07
C PRO B 40 -10.61 16.13 -7.60
N PRO B 41 -9.81 15.07 -7.36
CA PRO B 41 -10.17 13.72 -7.82
C PRO B 41 -11.63 13.40 -7.50
N GLY B 42 -12.36 12.93 -8.50
CA GLY B 42 -13.75 12.53 -8.30
C GLY B 42 -14.67 13.61 -7.77
N LYS B 43 -14.27 14.86 -7.91
CA LYS B 43 -15.13 15.98 -7.50
C LYS B 43 -15.41 16.88 -8.69
N GLY B 44 -16.10 17.99 -8.44
CA GLY B 44 -16.49 18.88 -9.52
C GLY B 44 -15.50 20.01 -9.78
N LEU B 45 -15.84 20.84 -10.75
CA LEU B 45 -15.00 21.96 -11.13
C LEU B 45 -15.10 23.10 -10.13
N GLU B 46 -13.97 23.75 -9.87
CA GLU B 46 -13.93 24.96 -9.06
C GLU B 46 -13.08 26.04 -9.73
N TRP B 47 -13.66 27.22 -9.88
CA TRP B 47 -12.94 28.37 -10.42
C TRP B 47 -11.88 28.92 -9.48
N ILE B 48 -10.72 29.24 -10.01
CA ILE B 48 -9.67 29.84 -9.21
C ILE B 48 -9.56 31.35 -9.44
N GLY B 49 -9.53 31.76 -10.70
CA GLY B 49 -9.44 33.19 -10.98
C GLY B 49 -9.18 33.43 -12.45
N LEU B 50 -9.18 34.69 -12.84
CA LEU B 50 -8.92 35.05 -14.22
C LEU B 50 -8.11 36.34 -14.31
N ILE B 51 -7.56 36.59 -15.48
CA ILE B 51 -6.74 37.76 -15.69
C ILE B 51 -6.98 38.28 -17.11
N SER B 52 -7.01 39.60 -17.26
CA SER B 52 -7.13 40.21 -18.58
C SER B 52 -5.74 40.29 -19.21
N GLY B 53 -5.58 39.73 -20.40
CA GLY B 53 -4.28 39.57 -21.04
C GLY B 53 -3.51 40.87 -21.22
N SER B 54 -4.19 41.85 -21.81
CA SER B 54 -3.64 43.20 -21.89
C SER B 54 -4.58 44.10 -21.08
N GLY B 55 -4.19 44.33 -19.83
CA GLY B 55 -5.05 44.97 -18.86
C GLY B 55 -4.59 44.57 -17.46
N GLY B 56 -4.19 43.30 -17.32
CA GLY B 56 -3.69 42.79 -16.06
C GLY B 56 -4.72 42.78 -14.94
N SER B 57 -5.91 43.34 -15.20
CA SER B 57 -7.00 43.30 -14.24
C SER B 57 -7.30 41.83 -13.88
N THR B 58 -7.41 41.54 -12.58
CA THR B 58 -7.67 40.18 -12.12
C THR B 58 -8.94 40.04 -11.27
N ASP B 59 -9.50 38.83 -11.25
CA ASP B 59 -10.56 38.47 -10.32
C ASP B 59 -10.27 37.07 -9.76
N TYR B 60 -10.42 36.89 -8.45
CA TYR B 60 -10.14 35.60 -7.83
C TYR B 60 -11.35 35.02 -7.11
N ASN B 61 -11.39 33.70 -7.01
CA ASN B 61 -12.39 33.04 -6.17
C ASN B 61 -12.22 33.56 -4.74
N PRO B 62 -13.26 34.19 -4.18
CA PRO B 62 -13.14 34.82 -2.86
C PRO B 62 -12.69 33.85 -1.79
N SER B 63 -13.09 32.59 -1.90
CA SER B 63 -12.75 31.61 -0.88
C SER B 63 -11.27 31.22 -0.91
N LEU B 64 -10.55 31.69 -1.91
CA LEU B 64 -9.12 31.44 -2.00
C LEU B 64 -8.38 32.54 -1.28
N LYS B 65 -9.14 33.48 -0.74
CA LYS B 65 -8.60 34.54 0.09
C LYS B 65 -7.41 35.24 -0.57
N SER B 66 -6.33 35.36 0.19
CA SER B 66 -5.15 36.02 -0.33
C SER B 66 -4.02 35.02 -0.55
N ARG B 67 -4.39 33.81 -0.96
CA ARG B 67 -3.38 32.80 -1.28
C ARG B 67 -3.08 32.78 -2.78
N VAL B 68 -3.89 33.50 -3.55
CA VAL B 68 -3.87 33.35 -5.01
C VAL B 68 -3.32 34.57 -5.74
N THR B 69 -2.37 34.32 -6.65
CA THR B 69 -1.84 35.33 -7.56
C THR B 69 -1.91 34.79 -8.99
N ILE B 70 -2.44 35.57 -9.93
CA ILE B 70 -2.34 35.22 -11.35
C ILE B 70 -1.53 36.30 -12.07
N SER B 71 -0.64 35.91 -12.97
CA SER B 71 0.24 36.87 -13.66
C SER B 71 0.35 36.50 -15.13
N THR B 72 0.83 37.45 -15.92
CA THR B 72 0.99 37.27 -17.35
C THR B 72 2.44 37.55 -17.73
N ASP B 73 2.92 36.91 -18.79
CA ASP B 73 4.25 37.20 -19.32
C ASP B 73 4.21 37.24 -20.85
N THR B 74 4.21 38.46 -21.40
CA THR B 74 4.10 38.64 -22.84
C THR B 74 5.28 38.06 -23.60
N SER B 75 6.49 38.38 -23.17
CA SER B 75 7.69 37.91 -23.85
C SER B 75 7.77 36.40 -23.97
N LYS B 76 7.00 35.69 -23.15
CA LYS B 76 6.97 34.24 -23.24
C LYS B 76 5.58 33.75 -23.64
N ASN B 77 4.65 34.69 -23.81
CA ASN B 77 3.27 34.36 -24.16
C ASN B 77 2.74 33.27 -23.23
N GLN B 78 2.81 33.54 -21.93
CA GLN B 78 2.36 32.62 -20.91
C GLN B 78 1.52 33.39 -19.89
N PHE B 79 0.70 32.67 -19.13
CA PHE B 79 0.17 33.21 -17.90
C PHE B 79 0.38 32.18 -16.79
N SER B 80 0.26 32.63 -15.56
CA SER B 80 0.73 31.83 -14.44
C SER B 80 -0.22 31.88 -13.27
N LEU B 81 -0.04 30.91 -12.37
CA LEU B 81 -0.78 30.87 -11.13
C LEU B 81 0.20 30.63 -9.99
N LYS B 82 0.01 31.35 -8.90
CA LYS B 82 0.70 31.00 -7.66
C LYS B 82 -0.33 30.83 -6.56
N LEU B 83 -0.22 29.73 -5.81
CA LEU B 83 -1.14 29.43 -4.73
C LEU B 83 -0.27 29.15 -3.52
N SER B 84 -0.33 30.01 -2.51
CA SER B 84 0.57 29.87 -1.36
C SER B 84 -0.07 29.02 -0.26
N SER B 85 0.74 28.59 0.71
CA SER B 85 0.24 27.89 1.88
C SER B 85 -0.69 26.73 1.54
N VAL B 86 -0.26 25.85 0.64
CA VAL B 86 -1.15 24.80 0.17
C VAL B 86 -1.32 23.69 1.23
N THR B 87 -2.45 22.99 1.14
CA THR B 87 -2.66 21.79 1.95
C THR B 87 -3.21 20.69 1.05
N ALA B 88 -3.58 19.55 1.63
CA ALA B 88 -4.09 18.45 0.82
C ALA B 88 -5.42 18.81 0.17
N ALA B 89 -6.03 19.91 0.64
CA ALA B 89 -7.27 20.39 0.06
C ALA B 89 -7.01 21.04 -1.30
N ASP B 90 -5.75 21.33 -1.60
CA ASP B 90 -5.37 21.89 -2.90
C ASP B 90 -4.90 20.82 -3.90
N THR B 91 -4.91 19.54 -3.49
CA THR B 91 -4.62 18.45 -4.43
C THR B 91 -5.74 18.38 -5.48
N ALA B 92 -5.38 18.38 -6.75
CA ALA B 92 -6.37 18.48 -7.81
C ALA B 92 -5.71 18.51 -9.18
N VAL B 93 -6.52 18.31 -10.23
CA VAL B 93 -6.09 18.63 -11.57
C VAL B 93 -6.36 20.11 -11.80
N TYR B 94 -5.34 20.84 -12.26
CA TYR B 94 -5.45 22.26 -12.55
C TYR B 94 -5.51 22.50 -14.06
N TYR B 95 -6.54 23.20 -14.52
CA TYR B 95 -6.68 23.49 -15.94
C TYR B 95 -6.49 24.96 -16.20
N CYS B 96 -5.92 25.29 -17.35
CA CYS B 96 -6.04 26.65 -17.86
C CYS B 96 -6.99 26.70 -19.07
N ALA B 97 -7.58 27.86 -19.30
CA ALA B 97 -8.57 28.01 -20.37
C ALA B 97 -8.66 29.47 -20.78
N ARG B 98 -9.25 29.71 -21.95
CA ARG B 98 -9.57 31.04 -22.42
C ARG B 98 -10.98 31.32 -21.96
N ILE B 99 -11.27 32.55 -21.57
CA ILE B 99 -12.66 32.87 -21.26
C ILE B 99 -13.18 33.92 -22.22
N ASP B 100 -14.38 33.70 -22.74
CA ASP B 100 -14.95 34.61 -23.72
C ASP B 100 -15.56 35.78 -22.95
N VAL B 101 -15.20 37.01 -23.34
CA VAL B 101 -15.70 38.21 -22.69
C VAL B 101 -16.22 39.18 -23.75
N VAL B 102 -17.32 39.87 -23.44
CA VAL B 102 -17.82 40.90 -24.34
C VAL B 102 -17.87 42.22 -23.59
N ILE B 103 -17.20 43.23 -24.11
CA ILE B 103 -17.15 44.53 -23.45
C ILE B 103 -18.24 45.46 -23.97
N THR B 104 -18.98 46.07 -23.05
CA THR B 104 -20.12 46.90 -23.40
C THR B 104 -19.91 48.35 -22.99
N SER B 105 -20.13 49.27 -23.92
CA SER B 105 -19.99 50.70 -23.65
C SER B 105 -21.28 51.32 -23.12
N HIS B 106 -21.15 52.41 -22.38
CA HIS B 106 -22.27 53.18 -21.86
C HIS B 106 -21.88 54.65 -21.75
N GLU B 107 -22.30 55.47 -22.71
CA GLU B 107 -21.85 56.87 -22.76
C GLU B 107 -22.25 57.68 -21.52
N ASP B 108 -21.25 58.33 -20.91
CA ASP B 108 -21.47 59.14 -19.72
C ASP B 108 -21.58 60.61 -20.11
N ASP B 109 -20.74 61.44 -19.51
CA ASP B 109 -20.64 62.84 -19.93
C ASP B 109 -19.65 62.98 -21.11
N PHE B 110 -18.32 62.82 -20.94
CA PHE B 110 -17.51 62.68 -19.71
C PHE B 110 -16.14 62.03 -19.95
N GLY B 111 -16.13 60.86 -20.60
CA GLY B 111 -17.34 60.25 -21.12
C GLY B 111 -17.57 58.80 -20.77
N ASP B 112 -17.84 58.01 -21.81
CA ASP B 112 -18.28 56.62 -21.69
C ASP B 112 -17.48 55.71 -20.75
N TYR B 113 -18.19 54.89 -19.99
CA TYR B 113 -17.58 53.84 -19.18
C TYR B 113 -17.94 52.47 -19.74
N TYR B 114 -17.03 51.51 -19.62
CA TYR B 114 -17.23 50.18 -20.18
C TYR B 114 -17.64 49.15 -19.13
N THR B 115 -18.40 48.15 -19.58
CA THR B 115 -18.83 47.07 -18.70
C THR B 115 -18.49 45.73 -19.34
N GLY B 116 -18.21 44.72 -18.51
CA GLY B 116 -17.78 43.44 -19.03
C GLY B 116 -18.69 42.32 -18.60
N GLU B 117 -19.08 41.48 -19.55
CA GLU B 117 -19.83 40.26 -19.23
C GLU B 117 -19.09 39.01 -19.73
N TYR B 118 -18.90 38.06 -18.82
CA TYR B 118 -18.07 36.90 -19.10
C TYR B 118 -18.91 35.70 -19.49
N TYR B 119 -18.49 35.02 -20.55
CA TYR B 119 -19.22 33.86 -21.02
C TYR B 119 -18.45 32.55 -20.83
N GLY B 120 -18.37 31.73 -21.86
CA GLY B 120 -17.85 30.39 -21.70
C GLY B 120 -16.34 30.25 -21.67
N LEU B 121 -15.86 29.20 -21.01
CA LEU B 121 -14.45 28.83 -21.03
C LEU B 121 -14.23 27.89 -22.18
N ASP B 122 -13.26 28.18 -23.03
CA ASP B 122 -12.92 27.24 -24.09
C ASP B 122 -11.40 27.06 -24.25
N SER B 123 -11.01 26.28 -25.24
CA SER B 123 -9.59 26.03 -25.48
C SER B 123 -8.87 25.47 -24.25
N TRP B 124 -9.59 24.71 -23.44
CA TRP B 124 -9.03 24.16 -22.19
C TRP B 124 -7.72 23.42 -22.45
N GLY B 125 -6.73 23.61 -21.58
CA GLY B 125 -5.56 22.74 -21.57
C GLY B 125 -5.92 21.33 -21.09
N GLN B 126 -4.97 20.40 -21.20
CA GLN B 126 -5.20 19.03 -20.80
C GLN B 126 -5.27 18.87 -19.29
N GLY B 127 -4.70 19.83 -18.57
CA GLY B 127 -4.74 19.82 -17.12
C GLY B 127 -3.46 19.23 -16.59
N VAL B 128 -3.05 19.66 -15.39
CA VAL B 128 -1.83 19.14 -14.79
C VAL B 128 -2.20 18.65 -13.39
N VAL B 129 -1.76 17.44 -13.07
CA VAL B 129 -2.07 16.84 -11.79
C VAL B 129 -1.13 17.37 -10.71
N VAL B 130 -1.69 18.01 -9.70
CA VAL B 130 -0.87 18.50 -8.62
C VAL B 130 -1.20 17.76 -7.33
N THR B 131 -0.17 17.22 -6.68
CA THR B 131 -0.36 16.52 -5.41
C THR B 131 0.37 17.24 -4.29
N VAL B 132 -0.34 17.50 -3.18
CA VAL B 132 0.27 18.14 -2.03
C VAL B 132 0.63 17.04 -1.05
N SER B 133 1.91 16.81 -0.83
CA SER B 133 2.33 15.66 -0.04
C SER B 133 3.71 15.83 0.53
N SER B 134 3.98 15.17 1.64
CA SER B 134 5.31 15.22 2.22
C SER B 134 6.17 14.04 1.72
N ALA B 135 5.57 13.16 0.93
CA ALA B 135 6.31 12.00 0.44
C ALA B 135 7.31 12.43 -0.63
N SER B 136 8.24 11.55 -0.94
CA SER B 136 9.29 11.84 -1.91
C SER B 136 8.87 11.47 -3.33
N THR B 137 9.35 12.25 -4.30
CA THR B 137 9.22 11.90 -5.71
C THR B 137 10.05 10.68 -5.99
N LYS B 138 9.50 9.76 -6.78
CA LYS B 138 10.28 8.60 -7.23
C LYS B 138 9.84 8.29 -8.65
N GLY B 139 10.80 8.13 -9.56
CA GLY B 139 10.53 7.75 -10.94
C GLY B 139 10.33 6.25 -11.05
N PRO B 140 9.62 5.79 -12.09
CA PRO B 140 9.26 4.38 -12.18
C PRO B 140 10.36 3.49 -12.74
N SER B 141 10.24 2.19 -12.50
CA SER B 141 10.98 1.18 -13.24
C SER B 141 10.00 0.67 -14.29
N VAL B 142 10.48 0.45 -15.50
CA VAL B 142 9.61 -0.01 -16.59
C VAL B 142 10.03 -1.41 -17.02
N PHE B 143 9.10 -2.38 -16.95
CA PHE B 143 9.39 -3.77 -17.32
C PHE B 143 8.51 -4.22 -18.49
N PRO B 144 8.99 -5.17 -19.29
CA PRO B 144 8.17 -5.61 -20.42
C PRO B 144 7.11 -6.60 -19.97
N LEU B 145 5.96 -6.54 -20.62
CA LEU B 145 4.93 -7.56 -20.46
C LEU B 145 4.84 -8.34 -21.77
N ALA B 146 5.39 -9.55 -21.79
CA ALA B 146 5.50 -10.32 -23.02
C ALA B 146 4.38 -11.35 -23.11
N PRO B 147 3.77 -11.48 -24.30
CA PRO B 147 2.66 -12.44 -24.39
C PRO B 147 3.15 -13.88 -24.24
N SER B 148 2.28 -14.74 -23.73
CA SER B 148 2.59 -16.16 -23.58
C SER B 148 2.64 -16.87 -24.93
N SER B 149 3.24 -18.05 -24.94
CA SER B 149 3.23 -18.91 -26.11
C SER B 149 1.81 -19.13 -26.60
N ARG B 150 0.92 -19.48 -25.67
CA ARG B 150 -0.47 -19.71 -26.04
C ARG B 150 -1.09 -18.46 -26.65
N SER B 151 -0.85 -17.30 -26.03
CA SER B 151 -1.41 -16.06 -26.55
C SER B 151 -0.90 -15.68 -27.94
N THR B 152 0.36 -15.97 -28.24
CA THR B 152 0.89 -15.59 -29.54
C THR B 152 0.44 -16.57 -30.62
N SER B 153 -0.16 -17.68 -30.20
CA SER B 153 -0.79 -18.63 -31.13
C SER B 153 -2.16 -18.16 -31.63
N GLU B 154 -2.75 -17.19 -30.94
CA GLU B 154 -3.96 -16.54 -31.41
C GLU B 154 -3.62 -15.56 -32.53
N SER B 155 -4.62 -14.99 -33.20
CA SER B 155 -4.35 -14.15 -34.35
C SER B 155 -3.77 -12.79 -33.95
N THR B 156 -4.10 -12.36 -32.73
CA THR B 156 -3.55 -11.13 -32.17
C THR B 156 -3.09 -11.43 -30.76
N ALA B 157 -2.28 -10.52 -30.23
CA ALA B 157 -1.72 -10.73 -28.89
C ALA B 157 -1.43 -9.38 -28.30
N ALA B 158 -1.58 -9.30 -26.98
CA ALA B 158 -1.29 -8.08 -26.25
C ALA B 158 0.11 -8.16 -25.69
N LEU B 159 0.88 -7.11 -25.92
CA LEU B 159 2.17 -6.99 -25.27
C LEU B 159 2.11 -5.63 -24.59
N GLY B 160 2.95 -5.40 -23.58
CA GLY B 160 2.83 -4.13 -22.89
C GLY B 160 4.04 -3.76 -22.06
N CYS B 161 3.88 -2.70 -21.27
CA CYS B 161 4.89 -2.28 -20.30
C CYS B 161 4.24 -2.10 -18.95
N LEU B 162 4.91 -2.58 -17.91
CA LEU B 162 4.49 -2.37 -16.54
C LEU B 162 5.34 -1.18 -16.04
N VAL B 163 4.67 -0.12 -15.61
CA VAL B 163 5.35 1.06 -15.11
C VAL B 163 5.26 0.99 -13.61
N LYS B 164 6.35 0.62 -12.96
CA LYS B 164 6.26 0.16 -11.59
C LYS B 164 6.85 1.15 -10.58
N ASP B 165 6.12 1.39 -9.50
CA ASP B 165 6.64 2.04 -8.30
C ASP B 165 7.08 3.49 -8.53
N TYR B 166 6.11 4.37 -8.81
CA TYR B 166 6.42 5.79 -8.95
C TYR B 166 5.54 6.63 -8.03
N PHE B 167 5.98 7.87 -7.81
CA PHE B 167 5.22 8.86 -7.07
C PHE B 167 5.71 10.25 -7.46
N PRO B 168 4.80 11.23 -7.59
CA PRO B 168 3.36 11.11 -7.52
C PRO B 168 2.79 10.83 -8.90
N GLU B 169 1.46 10.85 -9.04
CA GLU B 169 0.82 10.81 -10.35
C GLU B 169 1.19 12.05 -11.17
N PRO B 170 1.12 11.94 -12.51
CA PRO B 170 0.74 10.79 -13.29
C PRO B 170 1.91 10.27 -14.12
N VAL B 171 1.63 9.27 -14.93
CA VAL B 171 2.56 8.78 -15.93
C VAL B 171 1.83 8.73 -17.26
N THR B 172 2.51 9.04 -18.35
CA THR B 172 1.90 8.85 -19.66
C THR B 172 2.67 7.80 -20.43
N VAL B 173 1.97 7.08 -21.29
CA VAL B 173 2.61 6.03 -22.10
C VAL B 173 2.16 6.11 -23.55
N SER B 174 3.11 6.16 -24.47
CA SER B 174 2.77 6.06 -25.88
C SER B 174 3.54 4.87 -26.42
N TRP B 175 3.21 4.44 -27.64
CA TRP B 175 3.88 3.31 -28.27
C TRP B 175 4.50 3.72 -29.60
N ASN B 176 5.73 3.27 -29.86
CA ASN B 176 6.44 3.64 -31.08
C ASN B 176 6.34 5.13 -31.38
N SER B 177 6.69 5.93 -30.37
CA SER B 177 6.74 7.38 -30.47
C SER B 177 5.42 7.96 -30.94
N GLY B 178 4.32 7.27 -30.66
CA GLY B 178 3.00 7.76 -31.02
C GLY B 178 2.52 7.35 -32.38
N SER B 179 3.35 6.66 -33.16
CA SER B 179 2.92 6.18 -34.46
C SER B 179 1.98 4.99 -34.30
N LEU B 180 1.99 4.37 -33.12
CA LEU B 180 1.14 3.21 -32.87
C LEU B 180 0.05 3.63 -31.89
N THR B 181 -1.21 3.70 -32.37
CA THR B 181 -2.30 4.23 -31.56
C THR B 181 -3.48 3.27 -31.49
N SER B 182 -3.71 2.53 -32.56
CA SER B 182 -4.82 1.58 -32.55
C SER B 182 -4.46 0.37 -31.68
N GLY B 183 -5.43 -0.09 -30.90
CA GLY B 183 -5.22 -1.25 -30.07
C GLY B 183 -4.49 -0.94 -28.76
N VAL B 184 -4.22 0.33 -28.49
CA VAL B 184 -3.55 0.73 -27.24
C VAL B 184 -4.56 0.90 -26.10
N HIS B 185 -4.24 0.37 -24.93
CA HIS B 185 -5.08 0.54 -23.75
C HIS B 185 -4.17 0.76 -22.53
N THR B 186 -4.13 1.97 -22.01
CA THR B 186 -3.38 2.24 -20.77
C THR B 186 -4.36 2.21 -19.59
N PHE B 187 -4.06 1.36 -18.61
CA PHE B 187 -4.93 1.16 -17.47
C PHE B 187 -4.62 2.21 -16.39
N PRO B 188 -5.65 2.68 -15.68
CA PRO B 188 -5.43 3.61 -14.55
C PRO B 188 -4.58 2.97 -13.46
N ALA B 189 -3.78 3.79 -12.79
CA ALA B 189 -2.81 3.28 -11.83
C ALA B 189 -3.44 2.66 -10.58
N VAL B 190 -2.74 1.70 -10.01
CA VAL B 190 -3.08 1.16 -8.71
C VAL B 190 -2.18 1.79 -7.66
N LEU B 191 -2.75 2.12 -6.50
CA LEU B 191 -1.96 2.62 -5.38
C LEU B 191 -1.65 1.47 -4.44
N GLN B 192 -0.37 1.15 -4.28
CA GLN B 192 0.01 0.01 -3.49
C GLN B 192 0.27 0.36 -2.01
N SER B 193 0.36 -0.67 -1.17
CA SER B 193 0.59 -0.47 0.27
C SER B 193 1.94 0.21 0.54
N SER B 194 2.88 0.04 -0.38
CA SER B 194 4.17 0.73 -0.29
C SER B 194 4.05 2.24 -0.41
N GLY B 195 2.85 2.72 -0.77
CA GLY B 195 2.63 4.13 -0.99
C GLY B 195 2.93 4.60 -2.42
N LEU B 196 3.39 3.69 -3.27
CA LEU B 196 3.74 4.03 -4.64
C LEU B 196 2.70 3.51 -5.61
N TYR B 197 2.62 4.16 -6.77
CA TYR B 197 1.68 3.78 -7.83
C TYR B 197 2.33 2.84 -8.84
N SER B 198 1.54 2.00 -9.48
CA SER B 198 2.01 1.27 -10.67
C SER B 198 0.89 1.33 -11.71
N LEU B 199 1.24 1.37 -12.99
CA LEU B 199 0.22 1.17 -14.02
C LEU B 199 0.72 0.27 -15.14
N SER B 200 -0.18 -0.20 -16.00
CA SER B 200 0.21 -1.04 -17.12
C SER B 200 -0.35 -0.44 -18.40
N SER B 201 0.37 -0.60 -19.51
CA SER B 201 -0.15 -0.20 -20.81
C SER B 201 0.11 -1.34 -21.77
N VAL B 202 -0.91 -1.69 -22.55
CA VAL B 202 -0.77 -2.79 -23.49
C VAL B 202 -1.24 -2.36 -24.85
N VAL B 203 -0.74 -3.03 -25.88
CA VAL B 203 -1.15 -2.78 -27.25
C VAL B 203 -1.40 -4.15 -27.86
N THR B 204 -2.53 -4.29 -28.52
CA THR B 204 -2.85 -5.56 -29.14
C THR B 204 -2.45 -5.45 -30.60
N VAL B 205 -1.64 -6.38 -31.05
CA VAL B 205 -1.04 -6.35 -32.38
C VAL B 205 -1.19 -7.71 -33.05
N PRO B 206 -1.01 -7.77 -34.38
CA PRO B 206 -1.08 -9.06 -35.08
C PRO B 206 0.04 -9.97 -34.61
N SER B 207 -0.28 -11.22 -34.31
CA SER B 207 0.74 -12.15 -33.85
C SER B 207 1.81 -12.36 -34.92
N SER B 208 1.44 -12.12 -36.18
CA SER B 208 2.38 -12.19 -37.30
C SER B 208 3.52 -11.16 -37.17
N SER B 209 3.24 -10.04 -36.52
CA SER B 209 4.22 -8.96 -36.37
C SER B 209 5.22 -9.22 -35.23
N LEU B 210 4.89 -10.14 -34.34
CA LEU B 210 5.73 -10.42 -33.17
C LEU B 210 7.06 -11.00 -33.59
N GLY B 211 8.15 -10.31 -33.26
CA GLY B 211 9.46 -10.83 -33.57
C GLY B 211 9.97 -10.40 -34.92
N THR B 212 9.21 -9.54 -35.60
CA THR B 212 9.68 -8.89 -36.81
C THR B 212 9.53 -7.38 -36.68
N GLN B 213 8.41 -6.93 -36.12
CA GLN B 213 8.19 -5.52 -35.81
C GLN B 213 8.82 -5.16 -34.46
N THR B 214 9.38 -3.97 -34.37
CA THR B 214 9.94 -3.45 -33.13
C THR B 214 8.85 -2.75 -32.34
N TYR B 215 8.67 -3.09 -31.07
CA TYR B 215 7.71 -2.36 -30.23
C TYR B 215 8.40 -1.71 -29.05
N VAL B 216 8.19 -0.41 -28.90
CA VAL B 216 8.83 0.36 -27.88
C VAL B 216 7.78 1.14 -27.08
N CYS B 217 7.77 1.03 -25.76
CA CYS B 217 6.86 1.89 -25.02
C CYS B 217 7.59 3.13 -24.51
N ASN B 218 6.98 4.30 -24.70
CA ASN B 218 7.56 5.57 -24.31
C ASN B 218 6.89 6.04 -23.02
N VAL B 219 7.62 6.00 -21.93
CA VAL B 219 7.05 6.32 -20.64
C VAL B 219 7.53 7.70 -20.20
N ASN B 220 6.61 8.56 -19.80
CA ASN B 220 7.01 9.85 -19.26
C ASN B 220 6.47 10.03 -17.84
N HIS B 221 7.37 10.42 -16.94
CA HIS B 221 6.97 10.78 -15.58
C HIS B 221 7.56 12.16 -15.28
N LYS B 222 6.78 13.18 -15.54
CA LYS B 222 7.26 14.55 -15.46
C LYS B 222 7.76 14.93 -14.08
N PRO B 223 7.06 14.51 -13.02
CA PRO B 223 7.52 14.90 -11.68
C PRO B 223 8.96 14.51 -11.41
N SER B 224 9.44 13.43 -12.01
CA SER B 224 10.83 13.02 -11.76
C SER B 224 11.72 13.26 -12.96
N ASN B 225 11.21 13.98 -13.95
CA ASN B 225 11.92 14.15 -15.20
C ASN B 225 12.36 12.81 -15.75
N THR B 226 11.49 11.81 -15.64
CA THR B 226 11.80 10.49 -16.17
C THR B 226 11.20 10.39 -17.58
N LYS B 227 12.01 10.01 -18.53
CA LYS B 227 11.53 9.75 -19.88
C LYS B 227 12.31 8.58 -20.45
N VAL B 228 11.63 7.45 -20.60
CA VAL B 228 12.27 6.21 -20.98
C VAL B 228 11.55 5.62 -22.19
N ASP B 229 12.32 5.23 -23.20
CA ASP B 229 11.76 4.50 -24.33
C ASP B 229 12.27 3.07 -24.19
N LYS B 230 11.41 2.17 -23.73
CA LYS B 230 11.78 0.81 -23.41
C LYS B 230 11.41 -0.17 -24.52
N ARG B 231 12.41 -0.80 -25.13
CA ARG B 231 12.17 -1.80 -26.16
C ARG B 231 11.58 -3.05 -25.50
N VAL B 232 10.42 -3.49 -26.00
CA VAL B 232 9.78 -4.70 -25.48
C VAL B 232 10.22 -5.90 -26.32
N GLU B 233 11.12 -6.71 -25.77
CA GLU B 233 11.74 -7.82 -26.50
C GLU B 233 10.81 -9.02 -26.67
N ILE B 234 10.78 -9.58 -27.88
CA ILE B 234 9.93 -10.73 -28.16
C ILE B 234 10.69 -11.83 -28.88
N TYR C 1 -7.62 9.20 29.90
CA TYR C 1 -8.35 8.63 28.79
C TYR C 1 -7.85 7.22 28.49
N ASP C 2 -8.48 6.21 29.10
CA ASP C 2 -8.10 4.82 28.87
C ASP C 2 -8.88 4.24 27.70
N LEU C 3 -8.22 3.46 26.85
CA LEU C 3 -8.91 2.77 25.75
C LEU C 3 -9.23 1.33 26.14
N THR C 4 -10.50 0.94 26.00
CA THR C 4 -10.87 -0.38 26.47
C THR C 4 -11.09 -1.39 25.35
N GLN C 5 -10.40 -2.51 25.42
CA GLN C 5 -10.64 -3.60 24.48
C GLN C 5 -10.85 -4.91 25.23
N ALA C 6 -11.72 -5.74 24.68
CA ALA C 6 -11.94 -7.08 25.20
C ALA C 6 -10.70 -7.92 24.89
N ARG C 7 -10.39 -8.85 25.79
CA ARG C 7 -9.21 -9.70 25.62
C ARG C 7 -9.28 -10.55 24.37
N SER C 8 -10.45 -11.04 24.02
CA SER C 8 -10.52 -11.96 22.89
C SER C 8 -11.87 -12.10 22.21
N VAL C 9 -11.82 -12.58 20.98
CA VAL C 9 -13.02 -12.79 20.17
C VAL C 9 -12.73 -14.03 19.36
N SER C 10 -13.73 -14.90 19.21
CA SER C 10 -13.57 -16.12 18.41
C SER C 10 -14.69 -16.22 17.41
N VAL C 11 -14.39 -16.75 16.22
CA VAL C 11 -15.39 -16.94 15.18
C VAL C 11 -15.00 -18.13 14.33
N SER C 12 -15.97 -18.70 13.62
CA SER C 12 -15.65 -19.74 12.65
C SER C 12 -15.42 -19.14 11.27
N PRO C 13 -14.73 -19.88 10.39
CA PRO C 13 -14.43 -19.42 9.04
C PRO C 13 -15.68 -19.01 8.26
N GLY C 14 -15.59 -17.88 7.57
CA GLY C 14 -16.72 -17.38 6.81
C GLY C 14 -17.60 -16.43 7.62
N GLN C 15 -17.54 -16.49 8.94
CA GLN C 15 -18.38 -15.61 9.75
C GLN C 15 -17.75 -14.21 9.84
N THR C 16 -18.47 -13.29 10.46
CA THR C 16 -18.02 -11.92 10.63
C THR C 16 -17.51 -11.70 12.05
N ALA C 17 -16.31 -11.16 12.18
CA ALA C 17 -15.78 -10.83 13.50
C ALA C 17 -15.91 -9.35 13.72
N ARG C 18 -16.19 -8.97 14.95
CA ARG C 18 -16.30 -7.57 15.34
C ARG C 18 -15.44 -7.31 16.57
N VAL C 19 -14.51 -6.36 16.45
CA VAL C 19 -13.65 -5.99 17.56
C VAL C 19 -14.01 -4.57 17.95
N THR C 20 -14.17 -4.34 19.26
CA THR C 20 -14.54 -3.03 19.79
C THR C 20 -13.38 -2.29 20.49
N CYS C 21 -13.55 -0.98 20.57
CA CYS C 21 -12.61 -0.08 21.23
C CYS C 21 -13.47 0.95 21.94
N GLY C 22 -13.34 1.05 23.25
CA GLY C 22 -14.15 1.99 23.99
C GLY C 22 -13.34 3.08 24.68
N GLY C 23 -13.93 4.27 24.73
CA GLY C 23 -13.32 5.41 25.39
C GLY C 23 -14.37 6.52 25.44
N ASP C 24 -14.27 7.43 26.41
CA ASP C 24 -15.32 8.44 26.53
C ASP C 24 -15.34 9.37 25.31
N ASN C 25 -16.48 9.36 24.63
CA ASN C 25 -16.66 10.15 23.42
C ASN C 25 -15.53 9.95 22.43
N ILE C 26 -15.15 8.69 22.22
CA ILE C 26 -14.10 8.37 21.27
C ILE C 26 -14.60 8.63 19.84
N GLY C 27 -15.91 8.77 19.71
CA GLY C 27 -16.52 9.09 18.44
C GLY C 27 -16.12 10.47 17.96
N SER C 28 -15.65 11.29 18.88
CA SER C 28 -15.18 12.64 18.56
C SER C 28 -13.72 12.60 18.12
N LYS C 29 -13.10 11.43 18.24
CA LYS C 29 -11.70 11.22 17.86
C LYS C 29 -11.58 10.33 16.61
N SER C 30 -10.46 10.47 15.90
CA SER C 30 -10.18 9.61 14.76
C SER C 30 -9.53 8.30 15.26
N VAL C 31 -10.11 7.16 14.90
CA VAL C 31 -9.60 5.89 15.41
C VAL C 31 -8.81 5.13 14.37
N GLN C 32 -7.64 4.62 14.76
CA GLN C 32 -6.83 3.79 13.89
C GLN C 32 -6.85 2.36 14.41
N TRP C 33 -6.70 1.41 13.50
CA TRP C 33 -6.68 -0.01 13.87
C TRP C 33 -5.44 -0.66 13.28
N TYR C 34 -4.78 -1.50 14.09
CA TYR C 34 -3.61 -2.24 13.64
C TYR C 34 -3.80 -3.74 13.80
N GLN C 35 -3.20 -4.51 12.90
CA GLN C 35 -3.24 -5.96 12.99
C GLN C 35 -1.81 -6.41 13.26
N GLN C 36 -1.62 -7.27 14.26
CA GLN C 36 -0.26 -7.71 14.55
C GLN C 36 -0.18 -9.22 14.77
N LYS C 37 0.88 -9.83 14.25
CA LYS C 37 1.19 -11.21 14.61
C LYS C 37 2.57 -11.16 15.27
N PRO C 38 2.60 -10.88 16.59
CA PRO C 38 3.89 -10.57 17.24
C PRO C 38 4.84 -11.75 17.11
N PRO C 39 6.15 -11.49 17.07
CA PRO C 39 6.76 -10.16 17.28
C PRO C 39 6.95 -9.34 16.00
N GLN C 40 6.32 -9.77 14.91
CA GLN C 40 6.31 -8.97 13.69
C GLN C 40 5.65 -7.61 13.94
N ALA C 41 6.10 -6.58 13.25
CA ALA C 41 5.59 -5.23 13.42
C ALA C 41 4.09 -5.18 13.12
N PRO C 42 3.35 -4.35 13.84
CA PRO C 42 1.93 -4.15 13.52
C PRO C 42 1.77 -3.62 12.11
N VAL C 43 0.58 -3.83 11.55
CA VAL C 43 0.25 -3.34 10.21
C VAL C 43 -1.01 -2.47 10.32
N LEU C 44 -0.95 -1.25 9.79
CA LEU C 44 -2.09 -0.35 9.87
C LEU C 44 -3.19 -0.86 8.95
N VAL C 45 -4.39 -1.06 9.47
CA VAL C 45 -5.48 -1.54 8.61
C VAL C 45 -6.58 -0.51 8.32
N MET C 46 -6.76 0.43 9.24
CA MET C 46 -7.89 1.36 9.16
C MET C 46 -7.48 2.64 9.85
N SER C 47 -7.77 3.77 9.22
CA SER C 47 -7.46 5.07 9.79
C SER C 47 -8.66 5.98 9.75
N ALA C 48 -8.67 6.98 10.62
CA ALA C 48 -9.77 7.93 10.61
C ALA C 48 -11.12 7.19 10.63
N ASP C 49 -11.20 6.20 11.52
CA ASP C 49 -12.42 5.43 11.77
C ASP C 49 -12.69 4.38 10.71
N ASP C 50 -12.67 4.80 9.44
CA ASP C 50 -13.23 3.96 8.39
C ASP C 50 -12.47 3.99 7.07
N GLU C 51 -11.27 4.54 7.03
CA GLU C 51 -10.50 4.57 5.78
C GLU C 51 -9.55 3.40 5.72
N ARG C 52 -9.84 2.45 4.85
CA ARG C 52 -9.08 1.22 4.81
C ARG C 52 -7.74 1.41 4.11
N SER C 53 -6.65 0.93 4.72
CA SER C 53 -5.33 1.09 4.12
C SER C 53 -5.24 0.33 2.79
N SER C 54 -4.37 0.81 1.91
CA SER C 54 -4.12 0.11 0.66
C SER C 54 -3.62 -1.30 0.91
N GLY C 55 -4.03 -2.23 0.06
CA GLY C 55 -3.58 -3.62 0.18
C GLY C 55 -4.40 -4.44 1.17
N ILE C 56 -5.41 -3.83 1.79
CA ILE C 56 -6.28 -4.55 2.71
C ILE C 56 -7.64 -4.81 2.06
N PRO C 57 -8.13 -6.05 2.14
CA PRO C 57 -9.38 -6.42 1.47
C PRO C 57 -10.59 -5.63 1.98
N GLU C 58 -11.57 -5.44 1.10
CA GLU C 58 -12.75 -4.63 1.42
C GLU C 58 -13.60 -5.27 2.52
N ARG C 59 -13.27 -6.49 2.91
CA ARG C 59 -14.02 -7.16 3.96
C ARG C 59 -13.63 -6.63 5.35
N PHE C 60 -12.59 -5.80 5.41
CA PHE C 60 -12.32 -5.02 6.63
C PHE C 60 -13.07 -3.69 6.57
N SER C 61 -13.90 -3.37 7.55
CA SER C 61 -14.49 -2.04 7.63
C SER C 61 -14.52 -1.51 9.06
N GLY C 62 -14.62 -0.20 9.21
CA GLY C 62 -14.62 0.37 10.55
C GLY C 62 -15.74 1.37 10.73
N SER C 63 -16.15 1.57 11.97
CA SER C 63 -17.09 2.64 12.27
C SER C 63 -16.80 3.19 13.65
N ASN C 64 -17.37 4.34 13.95
CA ASN C 64 -17.08 5.03 15.20
C ASN C 64 -18.33 5.71 15.74
N SER C 65 -18.73 5.35 16.95
CA SER C 65 -20.04 5.65 17.52
C SER C 65 -19.89 6.20 18.92
N GLY C 66 -20.00 7.49 19.08
CA GLY C 66 -19.94 8.08 20.41
C GLY C 66 -18.84 7.56 21.32
N ASN C 67 -19.15 6.54 22.10
CA ASN C 67 -18.22 6.02 23.11
C ASN C 67 -17.40 4.82 22.66
N THR C 68 -17.64 4.35 21.45
CA THR C 68 -17.02 3.12 20.98
C THR C 68 -16.79 3.15 19.47
N ALA C 69 -15.84 2.33 19.01
CA ALA C 69 -15.54 2.14 17.60
C ALA C 69 -15.52 0.65 17.39
N THR C 70 -15.91 0.21 16.21
CA THR C 70 -15.96 -1.22 15.92
C THR C 70 -15.18 -1.49 14.62
N LEU C 71 -14.29 -2.46 14.64
CA LEU C 71 -13.66 -2.94 13.43
C LEU C 71 -14.37 -4.24 13.05
N THR C 72 -14.85 -4.31 11.82
CA THR C 72 -15.59 -5.47 11.33
C THR C 72 -14.80 -6.20 10.23
N ILE C 73 -14.64 -7.51 10.38
CA ILE C 73 -13.99 -8.32 9.36
C ILE C 73 -14.97 -9.38 8.91
N SER C 74 -15.48 -9.26 7.69
CA SER C 74 -16.41 -10.25 7.17
C SER C 74 -15.64 -11.37 6.46
N GLY C 75 -16.29 -12.53 6.30
CA GLY C 75 -15.67 -13.65 5.62
C GLY C 75 -14.35 -14.03 6.25
N VAL C 76 -14.34 -14.19 7.57
CA VAL C 76 -13.10 -14.41 8.29
C VAL C 76 -12.40 -15.67 7.78
N GLU C 77 -11.09 -15.61 7.67
CA GLU C 77 -10.29 -16.78 7.30
C GLU C 77 -9.11 -16.97 8.27
N ALA C 78 -8.43 -18.11 8.16
CA ALA C 78 -7.38 -18.44 9.12
C ALA C 78 -6.33 -17.34 9.24
N GLY C 79 -6.03 -16.68 8.13
CA GLY C 79 -5.00 -15.66 8.10
C GLY C 79 -5.33 -14.36 8.85
N ASP C 80 -6.59 -14.17 9.18
CA ASP C 80 -7.02 -13.00 9.96
C ASP C 80 -6.71 -13.18 11.44
N GLU C 81 -6.26 -14.37 11.82
CA GLU C 81 -5.91 -14.62 13.21
C GLU C 81 -4.74 -13.73 13.65
N ALA C 82 -4.95 -12.92 14.69
CA ALA C 82 -3.99 -11.90 15.07
C ALA C 82 -4.47 -11.11 16.28
N ASP C 83 -3.62 -10.21 16.76
CA ASP C 83 -4.00 -9.26 17.77
C ASP C 83 -4.38 -7.98 17.05
N TYR C 84 -5.44 -7.34 17.52
CA TYR C 84 -5.93 -6.12 16.89
C TYR C 84 -5.92 -5.02 17.93
N TYR C 85 -5.24 -3.92 17.61
CA TYR C 85 -5.14 -2.82 18.56
C TYR C 85 -5.83 -1.59 18.00
N CYS C 86 -6.59 -0.89 18.85
CA CYS C 86 -7.11 0.41 18.47
C CYS C 86 -6.20 1.48 19.03
N GLN C 87 -6.29 2.67 18.45
CA GLN C 87 -5.33 3.73 18.79
C GLN C 87 -5.96 5.06 18.48
N VAL C 88 -5.85 6.00 19.42
CA VAL C 88 -6.26 7.38 19.16
C VAL C 88 -5.19 8.35 19.64
N TRP C 89 -5.43 9.62 19.32
CA TRP C 89 -4.60 10.73 19.78
C TRP C 89 -5.44 11.57 20.72
N ASP C 90 -4.93 11.84 21.92
CA ASP C 90 -5.67 12.64 22.90
C ASP C 90 -5.91 14.05 22.38
N SER C 91 -7.15 14.53 22.48
CA SER C 91 -7.53 15.83 21.90
C SER C 91 -6.85 17.02 22.58
N SER C 92 -6.43 16.82 23.82
CA SER C 92 -5.88 17.89 24.62
C SER C 92 -4.34 17.90 24.57
N SER C 93 -3.74 16.76 24.88
CA SER C 93 -2.28 16.63 24.97
C SER C 93 -1.64 16.24 23.66
N HIS C 94 -2.43 15.62 22.79
CA HIS C 94 -1.92 15.00 21.56
C HIS C 94 -1.02 13.77 21.81
N HIS C 95 -1.11 13.21 23.00
CA HIS C 95 -0.45 11.94 23.31
C HIS C 95 -1.11 10.78 22.54
N MET C 96 -0.31 9.80 22.15
CA MET C 96 -0.83 8.57 21.53
C MET C 96 -1.38 7.62 22.57
N LEU C 97 -2.60 7.16 22.37
CA LEU C 97 -3.25 6.21 23.27
C LEU C 97 -3.55 4.89 22.57
N PHE C 98 -3.17 3.79 23.22
CA PHE C 98 -3.43 2.45 22.70
C PHE C 98 -4.42 1.68 23.57
N GLY C 99 -5.24 0.84 22.94
CA GLY C 99 -6.01 -0.15 23.68
C GLY C 99 -5.10 -1.33 23.94
N GLY C 100 -5.53 -2.24 24.82
CA GLY C 100 -4.68 -3.34 25.25
C GLY C 100 -4.59 -4.49 24.27
N GLY C 101 -5.35 -4.41 23.18
CA GLY C 101 -5.31 -5.44 22.17
C GLY C 101 -6.38 -6.52 22.36
N THR C 102 -6.90 -7.01 21.24
CA THR C 102 -7.90 -8.06 21.25
C THR C 102 -7.36 -9.16 20.37
N ARG C 103 -7.29 -10.36 20.91
CA ARG C 103 -6.88 -11.49 20.08
C ARG C 103 -8.04 -12.15 19.39
N LEU C 104 -7.92 -12.32 18.07
CA LEU C 104 -8.94 -12.98 17.28
C LEU C 104 -8.51 -14.40 17.01
N THR C 105 -9.34 -15.35 17.45
CA THR C 105 -9.09 -16.75 17.17
C THR C 105 -10.12 -17.26 16.18
N VAL C 106 -9.65 -17.97 15.17
CA VAL C 106 -10.53 -18.60 14.20
C VAL C 106 -10.72 -20.07 14.55
N LEU C 107 -11.97 -20.46 14.75
CA LEU C 107 -12.31 -21.81 15.14
C LEU C 107 -12.40 -22.75 13.94
N GLY C 108 -12.32 -24.04 14.22
CA GLY C 108 -12.66 -25.07 13.26
C GLY C 108 -11.72 -25.28 12.10
N GLN C 109 -10.44 -24.92 12.26
CA GLN C 109 -9.48 -25.17 11.20
C GLN C 109 -9.22 -26.68 11.14
N PRO C 110 -8.78 -27.19 9.98
CA PRO C 110 -8.61 -28.64 9.82
C PRO C 110 -7.46 -29.17 10.66
N LYS C 111 -7.61 -30.36 11.24
CA LYS C 111 -6.54 -30.96 12.02
C LYS C 111 -5.38 -31.39 11.13
N ALA C 112 -4.16 -31.24 11.66
CA ALA C 112 -2.98 -31.71 10.97
C ALA C 112 -2.03 -32.34 11.99
N ALA C 113 -1.60 -33.56 11.73
CA ALA C 113 -0.71 -34.29 12.65
C ALA C 113 0.74 -33.82 12.49
N PRO C 114 1.55 -33.94 13.55
CA PRO C 114 2.90 -33.39 13.51
C PRO C 114 3.87 -34.22 12.69
N SER C 115 4.80 -33.57 12.00
CA SER C 115 5.97 -34.24 11.46
C SER C 115 7.08 -34.12 12.50
N VAL C 116 7.78 -35.21 12.74
CA VAL C 116 8.77 -35.23 13.81
C VAL C 116 10.12 -35.67 13.25
N THR C 117 11.16 -34.91 13.58
CA THR C 117 12.53 -35.28 13.22
C THR C 117 13.38 -35.29 14.48
N LEU C 118 14.12 -36.37 14.69
CA LEU C 118 14.95 -36.47 15.89
C LEU C 118 16.41 -36.59 15.49
N PHE C 119 17.25 -35.72 16.04
CA PHE C 119 18.68 -35.75 15.75
C PHE C 119 19.48 -36.19 16.96
N PRO C 120 20.47 -37.05 16.75
CA PRO C 120 21.41 -37.43 17.80
C PRO C 120 22.49 -36.36 17.92
N PRO C 121 23.32 -36.43 18.96
CA PRO C 121 24.42 -35.46 19.14
C PRO C 121 25.42 -35.58 17.98
N SER C 122 26.14 -34.49 17.69
CA SER C 122 27.13 -34.54 16.62
C SER C 122 28.44 -35.02 17.23
N SER C 123 29.33 -35.54 16.41
CA SER C 123 30.62 -35.99 16.94
C SER C 123 31.40 -34.81 17.47
N GLU C 124 31.27 -33.66 16.80
CA GLU C 124 31.91 -32.45 17.28
C GLU C 124 31.46 -32.13 18.70
N GLU C 125 30.16 -32.24 18.96
CA GLU C 125 29.68 -31.99 20.31
C GLU C 125 30.18 -33.04 21.28
N LEU C 126 30.24 -34.29 20.83
CA LEU C 126 30.71 -35.38 21.68
C LEU C 126 32.18 -35.18 22.04
N GLN C 127 32.98 -34.79 21.06
CA GLN C 127 34.39 -34.50 21.32
C GLN C 127 34.52 -33.45 22.42
N ALA C 128 33.52 -32.58 22.53
CA ALA C 128 33.50 -31.57 23.57
C ALA C 128 32.89 -32.07 24.89
N ASN C 129 32.61 -33.38 24.96
CA ASN C 129 32.10 -34.00 26.19
C ASN C 129 30.63 -33.71 26.45
N LYS C 130 29.89 -33.44 25.38
CA LYS C 130 28.48 -33.11 25.49
C LYS C 130 27.65 -33.95 24.54
N ALA C 131 26.33 -33.93 24.73
CA ALA C 131 25.40 -34.69 23.91
C ALA C 131 23.99 -34.10 24.00
N THR C 132 23.58 -33.40 22.96
CA THR C 132 22.23 -32.84 22.90
C THR C 132 21.43 -33.58 21.86
N LEU C 133 20.27 -34.10 22.27
CA LEU C 133 19.34 -34.70 21.32
C LEU C 133 18.30 -33.64 20.96
N VAL C 134 17.96 -33.54 19.69
CA VAL C 134 17.02 -32.50 19.27
C VAL C 134 15.80 -33.13 18.63
N CYS C 135 14.63 -32.84 19.18
CA CYS C 135 13.36 -33.30 18.61
C CYS C 135 12.57 -32.13 18.04
N LEU C 136 12.37 -32.12 16.73
CA LEU C 136 11.74 -31.00 16.03
C LEU C 136 10.35 -31.40 15.57
N ILE C 137 9.35 -30.58 15.88
CA ILE C 137 7.98 -30.97 15.63
C ILE C 137 7.29 -29.85 14.85
N SER C 138 6.67 -30.18 13.73
CA SER C 138 6.12 -29.13 12.88
C SER C 138 4.82 -29.52 12.19
N ASP C 139 4.20 -28.52 11.57
CA ASP C 139 2.99 -28.70 10.78
C ASP C 139 1.80 -29.33 11.52
N PHE C 140 1.66 -29.06 12.81
CA PHE C 140 0.51 -29.60 13.54
C PHE C 140 -0.57 -28.57 13.85
N TYR C 141 -1.80 -29.04 13.95
CA TYR C 141 -2.94 -28.20 14.36
C TYR C 141 -3.96 -29.12 15.00
N PRO C 142 -4.54 -28.72 16.13
CA PRO C 142 -4.35 -27.43 16.80
C PRO C 142 -3.02 -27.33 17.54
N GLY C 143 -2.71 -26.14 18.04
CA GLY C 143 -1.40 -25.82 18.58
C GLY C 143 -1.15 -26.32 19.99
N ALA C 144 -1.21 -27.65 20.16
CA ALA C 144 -1.00 -28.28 21.44
C ALA C 144 -0.42 -29.68 21.23
N VAL C 145 0.74 -29.93 21.82
CA VAL C 145 1.34 -31.26 21.76
C VAL C 145 1.95 -31.59 23.09
N GLU C 146 2.22 -32.87 23.32
CA GLU C 146 2.95 -33.30 24.50
C GLU C 146 4.17 -34.10 24.04
N VAL C 147 5.31 -33.84 24.67
CA VAL C 147 6.54 -34.50 24.31
C VAL C 147 7.11 -35.14 25.55
N ALA C 148 7.40 -36.43 25.45
CA ALA C 148 8.06 -37.16 26.53
C ALA C 148 9.27 -37.91 25.97
N TRP C 149 10.31 -38.01 26.77
CA TRP C 149 11.52 -38.69 26.34
C TRP C 149 11.69 -40.00 27.10
N LYS C 150 12.22 -40.99 26.41
CA LYS C 150 12.55 -42.25 27.06
C LYS C 150 14.00 -42.66 26.79
N ALA C 151 14.62 -43.26 27.78
CA ALA C 151 15.96 -43.85 27.64
C ALA C 151 15.84 -45.33 27.99
N ASP C 152 15.99 -46.19 26.98
CA ASP C 152 15.75 -47.63 27.13
C ASP C 152 14.41 -47.93 27.79
N GLY C 153 13.38 -47.21 27.36
CA GLY C 153 12.02 -47.46 27.81
C GLY C 153 11.70 -46.82 29.15
N SER C 154 12.71 -46.28 29.80
CA SER C 154 12.52 -45.59 31.07
C SER C 154 12.23 -44.12 30.80
N ALA C 155 11.42 -43.49 31.65
CA ALA C 155 11.10 -42.08 31.49
C ALA C 155 12.29 -41.20 31.86
N VAL C 156 12.53 -40.17 31.06
CA VAL C 156 13.59 -39.20 31.33
C VAL C 156 12.96 -37.88 31.77
N ASN C 157 13.44 -37.31 32.88
CA ASN C 157 12.94 -36.01 33.33
C ASN C 157 13.99 -34.91 33.25
N ALA C 158 15.15 -35.20 33.83
CA ALA C 158 16.22 -34.22 33.91
C ALA C 158 16.86 -33.95 32.56
N GLY C 159 17.11 -32.69 32.28
CA GLY C 159 17.77 -32.31 31.03
C GLY C 159 16.81 -32.06 29.89
N VAL C 160 15.51 -32.22 30.16
CA VAL C 160 14.49 -31.99 29.13
C VAL C 160 14.02 -30.53 29.14
N GLU C 161 13.99 -29.91 27.96
CA GLU C 161 13.37 -28.60 27.80
C GLU C 161 12.60 -28.51 26.48
N THR C 162 11.36 -28.06 26.56
CA THR C 162 10.45 -28.05 25.41
C THR C 162 9.84 -26.67 25.28
N THR C 163 9.77 -26.18 24.04
CA THR C 163 9.22 -24.86 23.78
C THR C 163 7.69 -24.90 23.74
N LYS C 164 7.07 -23.74 23.90
CA LYS C 164 5.65 -23.64 23.66
C LYS C 164 5.47 -23.73 22.15
N PRO C 165 4.36 -24.30 21.70
CA PRO C 165 4.09 -24.34 20.26
C PRO C 165 3.96 -22.92 19.71
N SER C 166 4.47 -22.66 18.52
CA SER C 166 4.35 -21.33 17.92
C SER C 166 3.84 -21.41 16.50
N LYS C 167 2.99 -20.47 16.10
CA LYS C 167 2.41 -20.56 14.78
C LYS C 167 3.43 -20.31 13.67
N GLN C 168 3.37 -21.15 12.64
CA GLN C 168 4.22 -21.01 11.46
C GLN C 168 3.58 -20.04 10.46
N SER C 169 4.29 -19.73 9.38
CA SER C 169 3.74 -18.85 8.36
C SER C 169 2.50 -19.45 7.70
N ASN C 170 2.46 -20.78 7.58
CA ASN C 170 1.33 -21.46 6.96
C ASN C 170 0.15 -21.69 7.92
N ASN C 171 0.19 -21.04 9.08
CA ASN C 171 -0.88 -21.14 10.08
C ASN C 171 -0.98 -22.46 10.84
N LYS C 172 0.00 -23.34 10.67
CA LYS C 172 0.11 -24.50 11.54
C LYS C 172 1.18 -24.22 12.61
N TYR C 173 1.40 -25.16 13.53
CA TYR C 173 2.29 -24.92 14.65
C TYR C 173 3.58 -25.74 14.60
N ALA C 174 4.59 -25.24 15.31
CA ALA C 174 5.85 -25.94 15.50
C ALA C 174 6.29 -25.87 16.94
N ALA C 175 7.12 -26.83 17.34
CA ALA C 175 7.73 -26.80 18.66
C ALA C 175 9.00 -27.66 18.59
N SER C 176 9.82 -27.60 19.62
CA SER C 176 11.00 -28.43 19.68
C SER C 176 11.29 -28.80 21.12
N SER C 177 12.01 -29.90 21.30
CA SER C 177 12.30 -30.40 22.62
C SER C 177 13.75 -30.81 22.59
N TYR C 178 14.45 -30.49 23.67
CA TYR C 178 15.86 -30.83 23.78
C TYR C 178 16.11 -31.70 25.00
N LEU C 179 16.89 -32.76 24.82
CA LEU C 179 17.42 -33.57 25.89
C LEU C 179 18.91 -33.30 25.98
N SER C 180 19.34 -32.66 27.05
CA SER C 180 20.72 -32.21 27.19
C SER C 180 21.50 -33.11 28.14
N LEU C 181 22.53 -33.76 27.62
CA LEU C 181 23.29 -34.75 28.38
C LEU C 181 24.80 -34.52 28.30
N THR C 182 25.54 -35.21 29.18
CA THR C 182 26.98 -35.33 28.99
C THR C 182 27.24 -36.48 28.04
N SER C 183 28.42 -36.48 27.42
CA SER C 183 28.80 -37.56 26.52
C SER C 183 28.73 -38.88 27.29
N ASP C 184 29.14 -38.81 28.55
CA ASP C 184 29.13 -40.01 29.38
C ASP C 184 27.71 -40.55 29.58
N GLN C 185 26.80 -39.70 30.09
CA GLN C 185 25.38 -40.05 30.22
C GLN C 185 24.82 -40.64 28.92
N TRP C 186 25.06 -39.95 27.81
CA TRP C 186 24.61 -40.41 26.50
C TRP C 186 25.02 -41.84 26.22
N LYS C 187 26.29 -42.15 26.39
CA LYS C 187 26.78 -43.49 26.10
C LYS C 187 26.30 -44.54 27.10
N SER C 188 25.63 -44.08 28.17
CA SER C 188 25.23 -44.98 29.26
C SER C 188 23.88 -45.68 29.04
N HIS C 189 23.28 -45.48 27.88
CA HIS C 189 22.02 -46.13 27.51
C HIS C 189 22.16 -46.62 26.07
N LYS C 190 21.27 -47.52 25.67
CA LYS C 190 21.36 -48.14 24.35
C LYS C 190 20.48 -47.48 23.31
N SER C 191 19.58 -46.61 23.77
CA SER C 191 18.69 -45.92 22.83
C SER C 191 17.87 -44.88 23.56
N TYR C 192 17.49 -43.85 22.82
CA TYR C 192 16.63 -42.81 23.34
C TYR C 192 15.54 -42.58 22.32
N SER C 193 14.37 -42.17 22.78
CA SER C 193 13.30 -41.88 21.84
C SER C 193 12.55 -40.62 22.24
N CYS C 194 12.01 -39.94 21.24
CA CYS C 194 11.19 -38.77 21.46
C CYS C 194 9.76 -39.19 21.16
N GLN C 195 8.86 -39.07 22.15
CA GLN C 195 7.46 -39.42 21.93
C GLN C 195 6.56 -38.18 21.91
N VAL C 196 5.90 -37.94 20.78
CA VAL C 196 5.04 -36.76 20.60
C VAL C 196 3.58 -37.21 20.50
N THR C 197 2.75 -36.70 21.39
CA THR C 197 1.34 -37.01 21.41
C THR C 197 0.54 -35.79 20.96
N HIS C 198 -0.34 -36.01 20.00
CA HIS C 198 -1.18 -34.96 19.45
C HIS C 198 -2.55 -35.53 19.18
N GLU C 199 -3.57 -34.86 19.71
CA GLU C 199 -4.96 -35.25 19.50
C GLU C 199 -5.16 -36.74 19.66
N GLY C 200 -4.55 -37.31 20.69
CA GLY C 200 -4.79 -38.70 21.04
C GLY C 200 -3.93 -39.73 20.31
N SER C 201 -3.19 -39.30 19.29
CA SER C 201 -2.30 -40.20 18.58
C SER C 201 -0.85 -39.87 18.91
N THR C 202 0.04 -40.85 18.75
CA THR C 202 1.42 -40.65 19.14
C THR C 202 2.36 -41.08 18.02
N VAL C 203 3.41 -40.29 17.81
CA VAL C 203 4.50 -40.62 16.91
C VAL C 203 5.77 -40.75 17.75
N GLU C 204 6.63 -41.70 17.40
CA GLU C 204 7.82 -41.92 18.21
C GLU C 204 9.02 -42.08 17.30
N LYS C 205 10.14 -41.48 17.72
CA LYS C 205 11.37 -41.53 16.96
C LYS C 205 12.47 -41.98 17.89
N THR C 206 13.38 -42.79 17.37
CA THR C 206 14.45 -43.33 18.21
C THR C 206 15.82 -43.10 17.61
N VAL C 207 16.82 -42.93 18.47
CA VAL C 207 18.22 -42.88 18.08
C VAL C 207 19.07 -43.67 19.06
N ALA C 208 20.23 -44.13 18.60
CA ALA C 208 21.09 -44.98 19.42
C ALA C 208 22.55 -44.59 19.24
N PRO C 209 23.33 -44.62 20.33
CA PRO C 209 24.76 -44.27 20.30
C PRO C 209 25.59 -45.23 19.46
N GLN D 1 7.95 3.76 -1.20
CA GLN D 1 9.22 3.06 -1.05
C GLN D 1 9.90 3.42 0.27
N LEU D 2 9.18 4.12 1.14
CA LEU D 2 9.73 4.46 2.45
C LEU D 2 10.05 3.16 3.18
N GLN D 3 11.24 3.05 3.73
CA GLN D 3 11.60 1.89 4.52
C GLN D 3 12.36 2.35 5.76
N LEU D 4 12.05 1.73 6.90
CA LEU D 4 12.68 2.07 8.17
C LEU D 4 13.40 0.84 8.72
N GLN D 5 14.55 1.05 9.34
CA GLN D 5 15.29 -0.06 9.92
C GLN D 5 15.95 0.39 11.21
N GLU D 6 15.61 -0.28 12.32
CA GLU D 6 16.14 0.06 13.64
C GLU D 6 17.47 -0.64 13.83
N SER D 7 18.37 -0.02 14.57
CA SER D 7 19.59 -0.72 14.96
C SER D 7 20.10 -0.19 16.29
N GLY D 8 20.96 -0.96 16.95
CA GLY D 8 21.53 -0.59 18.22
C GLY D 8 21.73 -1.85 19.04
N PRO D 9 22.48 -1.75 20.14
CA PRO D 9 22.86 -2.88 20.99
C PRO D 9 21.64 -3.60 21.59
N GLY D 10 21.67 -4.92 21.59
CA GLY D 10 20.55 -5.72 22.08
C GLY D 10 20.60 -6.09 23.56
N LEU D 11 21.65 -5.67 24.24
CA LEU D 11 21.81 -5.96 25.67
C LEU D 11 22.17 -4.66 26.38
N VAL D 12 21.39 -4.28 27.39
CA VAL D 12 21.72 -3.11 28.19
C VAL D 12 21.74 -3.50 29.67
N LYS D 13 22.74 -3.05 30.40
CA LYS D 13 22.81 -3.33 31.83
C LYS D 13 21.86 -2.43 32.59
N PRO D 14 21.29 -2.94 33.69
CA PRO D 14 20.39 -2.13 34.50
C PRO D 14 21.03 -0.80 34.91
N SER D 15 20.23 0.27 34.93
CA SER D 15 20.69 1.62 35.26
C SER D 15 21.42 2.34 34.12
N GLU D 16 21.73 1.63 33.04
CA GLU D 16 22.43 2.30 31.94
C GLU D 16 21.44 2.86 30.92
N THR D 17 21.95 3.37 29.81
CA THR D 17 21.10 3.99 28.80
C THR D 17 20.96 3.11 27.56
N LEU D 18 19.73 2.93 27.11
CA LEU D 18 19.47 2.25 25.84
C LEU D 18 19.51 3.27 24.73
N SER D 19 20.28 3.00 23.66
CA SER D 19 20.30 3.89 22.48
C SER D 19 19.98 3.10 21.22
N LEU D 20 19.06 3.63 20.42
CA LEU D 20 18.67 3.00 19.16
C LEU D 20 18.64 4.05 18.06
N THR D 21 18.84 3.62 16.83
CA THR D 21 18.75 4.55 15.72
C THR D 21 17.81 3.97 14.69
N CYS D 22 17.11 4.83 13.98
CA CYS D 22 16.26 4.39 12.88
C CYS D 22 16.77 5.04 11.60
N ALA D 23 17.27 4.20 10.68
CA ALA D 23 17.69 4.65 9.36
C ALA D 23 16.48 4.70 8.43
N VAL D 24 16.28 5.84 7.79
CA VAL D 24 15.15 6.03 6.89
C VAL D 24 15.63 6.07 5.43
N SER D 25 15.02 5.27 4.57
CA SER D 25 15.29 5.41 3.15
C SER D 25 13.97 5.49 2.40
N GLY D 26 13.99 6.13 1.23
CA GLY D 26 12.79 6.21 0.42
C GLY D 26 11.92 7.34 0.88
N GLY D 27 12.45 8.16 1.78
CA GLY D 27 11.74 9.33 2.25
C GLY D 27 12.69 10.23 3.02
N SER D 28 12.20 11.42 3.37
CA SER D 28 13.00 12.42 4.03
C SER D 28 12.58 12.57 5.49
N ILE D 29 13.56 12.58 6.39
CA ILE D 29 13.27 12.86 7.79
C ILE D 29 12.49 14.18 7.86
N SER D 30 12.90 15.13 7.01
CA SER D 30 12.43 16.50 7.08
C SER D 30 10.95 16.81 7.12
N ASN D 31 10.11 16.30 6.23
CA ASN D 31 8.75 16.85 6.34
C ASN D 31 7.76 15.86 6.90
N ASN D 32 8.27 15.00 7.77
CA ASN D 32 7.50 13.90 8.32
C ASN D 32 7.60 13.84 9.83
N HIS D 33 6.78 13.02 10.44
CA HIS D 33 6.77 12.85 11.89
C HIS D 33 7.05 11.39 12.15
N TRP D 34 7.75 11.12 13.24
CA TRP D 34 8.34 9.82 13.47
C TRP D 34 8.10 9.43 14.93
N SER D 35 7.92 8.15 15.20
CA SER D 35 7.61 7.71 16.54
C SER D 35 8.40 6.48 16.90
N TRP D 36 8.61 6.28 18.20
CA TRP D 36 9.09 5.02 18.72
C TRP D 36 7.99 4.33 19.53
N ILE D 37 7.90 3.02 19.39
CA ILE D 37 6.85 2.20 20.01
C ILE D 37 7.56 1.00 20.58
N ARG D 38 7.04 0.43 21.67
CA ARG D 38 7.64 -0.84 22.10
C ARG D 38 6.60 -1.81 22.59
N GLN D 39 7.03 -3.04 22.75
CA GLN D 39 6.15 -4.12 23.17
C GLN D 39 6.92 -5.14 23.98
N PRO D 40 6.69 -5.17 25.29
CA PRO D 40 7.29 -6.18 26.16
C PRO D 40 6.74 -7.54 25.79
N PRO D 41 7.52 -8.61 25.99
CA PRO D 41 7.09 -9.95 25.57
C PRO D 41 5.68 -10.29 26.09
N GLY D 42 4.80 -10.70 25.19
CA GLY D 42 3.46 -11.13 25.55
C GLY D 42 2.48 -10.02 25.90
N LYS D 43 2.88 -8.77 25.72
CA LYS D 43 2.06 -7.66 26.19
C LYS D 43 1.67 -6.73 25.05
N GLY D 44 1.03 -5.62 25.40
CA GLY D 44 0.51 -4.72 24.39
C GLY D 44 1.54 -3.72 23.88
N LEU D 45 1.17 -3.04 22.81
CA LEU D 45 1.97 -1.93 22.30
C LEU D 45 1.97 -0.78 23.29
N GLU D 46 3.12 -0.11 23.43
CA GLU D 46 3.19 1.09 24.25
C GLU D 46 3.92 2.18 23.48
N TRP D 47 3.36 3.39 23.47
CA TRP D 47 4.00 4.53 22.81
C TRP D 47 5.15 5.09 23.63
N ILE D 48 6.27 5.40 22.99
CA ILE D 48 7.40 5.98 23.69
C ILE D 48 7.46 7.49 23.51
N GLY D 49 7.42 7.94 22.26
CA GLY D 49 7.45 9.37 22.00
C GLY D 49 7.48 9.60 20.50
N LEU D 50 7.45 10.85 20.10
CA LEU D 50 7.49 11.17 18.69
C LEU D 50 8.26 12.46 18.47
N ILE D 51 8.62 12.72 17.23
CA ILE D 51 9.34 13.94 16.90
C ILE D 51 8.90 14.41 15.51
N SER D 52 8.78 15.73 15.34
CA SER D 52 8.50 16.32 14.04
C SER D 52 9.81 16.53 13.29
N GLY D 53 9.94 15.93 12.11
CA GLY D 53 11.18 16.00 11.37
C GLY D 53 11.55 17.43 11.01
N SER D 54 10.53 18.27 10.83
CA SER D 54 10.81 19.69 10.57
C SER D 54 10.58 20.49 11.84
N GLY D 55 11.64 21.05 12.40
CA GLY D 55 11.50 21.84 13.62
C GLY D 55 11.82 21.09 14.90
N GLY D 56 11.64 19.78 14.90
CA GLY D 56 12.10 18.98 16.02
C GLY D 56 11.22 18.99 17.26
N SER D 57 9.98 19.44 17.12
CA SER D 57 9.06 19.36 18.27
C SER D 57 8.94 17.91 18.75
N THR D 58 9.14 17.67 20.05
CA THR D 58 9.01 16.33 20.59
C THR D 58 7.85 16.19 21.58
N ASP D 59 7.38 14.96 21.72
CA ASP D 59 6.37 14.63 22.72
C ASP D 59 6.64 13.21 23.20
N TYR D 60 6.61 13.02 24.51
CA TYR D 60 7.00 11.76 25.12
C TYR D 60 5.89 11.19 26.01
N ASN D 61 5.83 9.86 26.09
CA ASN D 61 4.89 9.22 27.02
C ASN D 61 5.24 9.67 28.45
N PRO D 62 4.30 10.32 29.13
CA PRO D 62 4.58 10.84 30.48
C PRO D 62 4.92 9.74 31.48
N SER D 63 4.47 8.52 31.21
CA SER D 63 4.76 7.40 32.11
C SER D 63 6.21 6.93 32.03
N LEU D 64 6.96 7.46 31.06
CA LEU D 64 8.39 7.17 30.98
C LEU D 64 9.20 8.15 31.80
N LYS D 65 8.50 9.04 32.48
CA LYS D 65 9.11 9.95 33.46
C LYS D 65 10.38 10.67 33.01
N SER D 66 10.37 11.31 31.85
CA SER D 66 11.53 12.12 31.45
C SER D 66 12.85 11.32 31.25
N ARG D 67 12.74 10.01 31.11
CA ARG D 67 13.90 9.17 30.79
C ARG D 67 14.17 9.11 29.28
N VAL D 68 13.28 9.71 28.50
CA VAL D 68 13.35 9.57 27.05
C VAL D 68 13.85 10.82 26.34
N THR D 69 14.72 10.60 25.35
CA THR D 69 15.20 11.65 24.44
C THR D 69 15.08 11.13 23.02
N ILE D 70 14.44 11.89 22.14
CA ILE D 70 14.34 11.53 20.72
C ILE D 70 14.94 12.67 19.91
N SER D 71 15.79 12.36 18.94
CA SER D 71 16.35 13.44 18.13
C SER D 71 16.41 13.02 16.66
N THR D 72 16.76 13.95 15.78
CA THR D 72 16.91 13.60 14.37
C THR D 72 18.31 13.98 13.90
N ASP D 73 18.77 13.33 12.84
CA ASP D 73 20.03 13.67 12.21
C ASP D 73 19.77 13.85 10.73
N THR D 74 19.69 15.10 10.33
CA THR D 74 19.42 15.50 8.95
C THR D 74 20.51 15.07 7.98
N SER D 75 21.75 14.97 8.46
CA SER D 75 22.86 14.67 7.57
C SER D 75 22.86 13.21 7.15
N LYS D 76 22.33 12.34 7.99
CA LYS D 76 22.28 10.93 7.66
C LYS D 76 20.86 10.40 7.44
N ASN D 77 19.85 11.28 7.52
CA ASN D 77 18.44 10.88 7.38
C ASN D 77 18.03 9.82 8.40
N GLN D 78 18.25 10.11 9.68
CA GLN D 78 18.01 9.15 10.76
C GLN D 78 17.28 9.84 11.88
N PHE D 79 16.60 9.05 12.70
CA PHE D 79 16.17 9.54 14.00
C PHE D 79 16.50 8.49 15.07
N SER D 80 16.63 8.95 16.32
CA SER D 80 17.18 8.11 17.36
C SER D 80 16.36 8.17 18.64
N LEU D 81 16.60 7.19 19.50
CA LEU D 81 15.99 7.12 20.82
C LEU D 81 17.09 6.89 21.85
N LYS D 82 17.05 7.63 22.94
CA LYS D 82 17.79 7.28 24.16
C LYS D 82 16.82 7.11 25.31
N LEU D 83 16.96 6.03 26.05
CA LEU D 83 16.13 5.76 27.22
C LEU D 83 17.08 5.53 28.38
N SER D 84 17.12 6.45 29.33
CA SER D 84 18.10 6.35 30.43
C SER D 84 17.59 5.51 31.61
N SER D 85 18.51 5.13 32.49
CA SER D 85 18.18 4.42 33.74
C SER D 85 17.25 3.25 33.53
N VAL D 86 17.63 2.33 32.64
CA VAL D 86 16.71 1.26 32.31
C VAL D 86 16.59 0.26 33.46
N THR D 87 15.51 -0.51 33.44
CA THR D 87 15.30 -1.64 34.34
C THR D 87 14.69 -2.75 33.52
N ALA D 88 14.37 -3.88 34.15
CA ALA D 88 13.78 -5.02 33.45
C ALA D 88 12.42 -4.72 32.82
N ALA D 89 11.73 -3.69 33.31
CA ALA D 89 10.49 -3.25 32.68
C ALA D 89 10.71 -2.69 31.26
N ASP D 90 11.95 -2.36 30.93
CA ASP D 90 12.25 -1.81 29.61
C ASP D 90 12.67 -2.87 28.57
N THR D 91 12.74 -4.13 29.00
CA THR D 91 12.96 -5.22 28.05
C THR D 91 11.77 -5.34 27.10
N ALA D 92 12.03 -5.32 25.80
CA ALA D 92 10.94 -5.27 24.83
C ALA D 92 11.48 -5.31 23.42
N VAL D 93 10.58 -5.49 22.47
CA VAL D 93 10.90 -5.26 21.07
C VAL D 93 10.59 -3.79 20.84
N TYR D 94 11.54 -3.04 20.28
CA TYR D 94 11.35 -1.60 19.99
C TYR D 94 11.16 -1.40 18.49
N TYR D 95 10.15 -0.61 18.11
CA TYR D 95 9.86 -0.35 16.70
C TYR D 95 9.94 1.13 16.41
N CYS D 96 10.46 1.49 15.23
CA CYS D 96 10.29 2.86 14.77
C CYS D 96 9.21 2.89 13.67
N ALA D 97 8.58 4.06 13.52
CA ALA D 97 7.48 4.20 12.55
C ALA D 97 7.23 5.65 12.14
N ARG D 98 6.57 5.82 11.00
CA ARG D 98 6.20 7.14 10.49
C ARG D 98 4.75 7.40 10.85
N ILE D 99 4.44 8.61 11.28
CA ILE D 99 3.06 8.95 11.60
C ILE D 99 2.45 9.69 10.42
N ASP D 100 1.27 9.27 9.98
CA ASP D 100 0.57 9.98 8.91
C ASP D 100 0.01 11.27 9.49
N VAL D 101 0.45 12.42 8.97
CA VAL D 101 -0.06 13.72 9.44
C VAL D 101 -0.70 14.50 8.30
N VAL D 102 -1.85 15.12 8.57
CA VAL D 102 -2.49 16.01 7.59
C VAL D 102 -2.56 17.43 8.15
N ILE D 103 -1.93 18.36 7.45
CA ILE D 103 -2.01 19.78 7.80
C ILE D 103 -3.31 20.39 7.30
N THR D 104 -3.94 21.17 8.15
CA THR D 104 -5.21 21.81 7.80
C THR D 104 -5.17 23.31 8.05
N SER D 105 -5.84 24.05 7.17
CA SER D 105 -6.13 25.46 7.39
C SER D 105 -7.56 25.62 7.91
N HIS D 106 -7.89 26.79 8.43
CA HIS D 106 -9.25 27.03 8.93
C HIS D 106 -9.82 28.39 8.52
N TYR D 113 -4.41 29.56 10.14
CA TYR D 113 -3.43 28.86 10.98
C TYR D 113 -3.40 27.37 10.64
N TYR D 114 -2.20 26.78 10.68
CA TYR D 114 -2.00 25.37 10.39
C TYR D 114 -2.26 24.47 11.59
N THR D 115 -3.18 23.51 11.42
CA THR D 115 -3.38 22.47 12.41
C THR D 115 -2.77 21.19 11.85
N GLY D 116 -1.99 20.50 12.66
CA GLY D 116 -1.51 19.17 12.31
C GLY D 116 -2.44 18.12 12.91
N GLU D 117 -3.08 17.33 12.05
CA GLU D 117 -3.95 16.24 12.50
C GLU D 117 -3.21 14.92 12.36
N TYR D 118 -3.13 14.13 13.42
CA TYR D 118 -2.40 12.85 13.39
C TYR D 118 -3.34 11.68 13.13
N TYR D 119 -2.88 10.73 12.32
CA TYR D 119 -3.64 9.51 12.06
C TYR D 119 -2.80 8.27 12.36
N GLY D 120 -2.65 7.37 11.39
CA GLY D 120 -2.03 6.08 11.67
C GLY D 120 -0.52 6.04 11.56
N LEU D 121 0.09 5.05 12.23
CA LEU D 121 1.48 4.73 12.02
C LEU D 121 1.52 3.83 10.81
N ASP D 122 1.95 4.35 9.67
CA ASP D 122 1.70 3.64 8.42
C ASP D 122 2.89 2.95 7.79
N SER D 123 4.09 3.17 8.32
CA SER D 123 5.25 2.36 7.93
C SER D 123 5.98 2.13 9.23
N TRP D 124 6.58 0.95 9.36
CA TRP D 124 7.18 0.50 10.60
C TRP D 124 8.51 -0.16 10.25
N GLY D 125 9.50 -0.03 11.11
CA GLY D 125 10.70 -0.86 10.98
C GLY D 125 10.35 -2.29 11.38
N GLN D 126 11.30 -3.21 11.30
CA GLN D 126 10.98 -4.61 11.60
C GLN D 126 11.02 -4.90 13.10
N GLY D 127 11.61 -3.98 13.84
CA GLY D 127 11.73 -4.12 15.28
C GLY D 127 13.10 -4.64 15.68
N VAL D 128 13.57 -4.20 16.85
CA VAL D 128 14.83 -4.73 17.41
C VAL D 128 14.59 -5.18 18.85
N VAL D 129 15.08 -6.37 19.18
CA VAL D 129 14.91 -6.95 20.50
C VAL D 129 15.94 -6.35 21.44
N VAL D 130 15.45 -5.81 22.55
CA VAL D 130 16.32 -5.24 23.57
C VAL D 130 16.07 -5.95 24.90
N THR D 131 17.17 -6.42 25.52
CA THR D 131 17.10 -7.15 26.77
C THR D 131 17.86 -6.36 27.81
N VAL D 132 17.21 -6.06 28.93
CA VAL D 132 17.87 -5.34 30.01
C VAL D 132 18.23 -6.39 31.04
N SER D 133 19.53 -6.56 31.27
CA SER D 133 20.01 -7.66 32.13
C SER D 133 21.46 -7.46 32.52
N SER D 134 21.80 -7.94 33.71
CA SER D 134 23.19 -7.96 34.18
C SER D 134 23.95 -9.18 33.67
N ALA D 135 23.25 -10.13 33.06
CA ALA D 135 23.91 -11.33 32.55
C ALA D 135 24.91 -10.99 31.44
N SER D 136 25.98 -11.76 31.35
CA SER D 136 26.98 -11.56 30.29
C SER D 136 26.49 -12.04 28.94
N THR D 137 26.93 -11.36 27.88
CA THR D 137 26.77 -11.84 26.52
C THR D 137 27.51 -13.16 26.40
N LYS D 138 26.98 -14.06 25.60
CA LYS D 138 27.65 -15.35 25.34
C LYS D 138 27.35 -15.78 23.92
N GLY D 139 28.39 -16.06 23.14
CA GLY D 139 28.19 -16.49 21.77
C GLY D 139 27.86 -17.98 21.69
N PRO D 140 27.14 -18.39 20.64
CA PRO D 140 26.71 -19.80 20.57
C PRO D 140 27.80 -20.71 20.07
N SER D 141 27.69 -22.00 20.36
CA SER D 141 28.42 -23.02 19.62
C SER D 141 27.50 -23.52 18.52
N VAL D 142 28.04 -23.77 17.33
CA VAL D 142 27.21 -24.24 16.22
C VAL D 142 27.62 -25.66 15.85
N PHE D 143 26.66 -26.57 15.88
CA PHE D 143 26.92 -27.98 15.60
C PHE D 143 26.01 -28.47 14.47
N PRO D 144 26.53 -29.34 13.61
CA PRO D 144 25.72 -29.91 12.52
C PRO D 144 24.66 -30.86 13.05
N LEU D 145 23.52 -30.89 12.38
CA LEU D 145 22.51 -31.91 12.61
C LEU D 145 22.50 -32.77 11.34
N ALA D 146 23.02 -33.99 11.43
CA ALA D 146 23.18 -34.83 10.25
C ALA D 146 22.15 -35.95 10.25
N PRO D 147 21.50 -36.15 9.10
CA PRO D 147 20.48 -37.21 8.94
C PRO D 147 21.02 -38.64 9.14
N SER D 148 20.24 -39.48 9.82
CA SER D 148 20.58 -40.89 9.99
C SER D 148 20.61 -41.61 8.64
N SER D 149 21.14 -42.84 8.64
CA SER D 149 21.16 -43.65 7.42
C SER D 149 19.73 -43.90 6.95
N ARG D 150 18.83 -44.20 7.88
CA ARG D 150 17.42 -44.38 7.53
C ARG D 150 16.82 -43.12 6.91
N SER D 151 17.13 -41.97 7.49
CA SER D 151 16.62 -40.71 6.97
C SER D 151 17.10 -40.42 5.56
N THR D 152 18.39 -40.63 5.30
CA THR D 152 18.93 -40.36 3.97
C THR D 152 18.50 -41.42 2.95
N SER D 153 17.92 -42.52 3.44
CA SER D 153 17.35 -43.51 2.53
C SER D 153 16.01 -43.07 1.96
N GLU D 154 15.36 -42.10 2.61
CA GLU D 154 14.14 -41.52 2.06
C GLU D 154 14.52 -40.58 0.91
N SER D 155 13.54 -40.15 0.13
CA SER D 155 13.88 -39.36 -1.05
C SER D 155 14.38 -37.97 -0.66
N THR D 156 13.88 -37.44 0.44
CA THR D 156 14.37 -36.16 0.96
C THR D 156 14.84 -36.36 2.39
N ALA D 157 15.77 -35.52 2.83
CA ALA D 157 16.27 -35.62 4.19
C ALA D 157 16.45 -34.23 4.77
N ALA D 158 16.32 -34.15 6.09
CA ALA D 158 16.52 -32.90 6.80
C ALA D 158 17.93 -32.86 7.35
N LEU D 159 18.65 -31.80 7.01
CA LEU D 159 19.91 -31.51 7.69
C LEU D 159 19.79 -30.15 8.36
N GLY D 160 20.66 -29.87 9.30
CA GLY D 160 20.51 -28.60 9.99
C GLY D 160 21.71 -28.20 10.80
N CYS D 161 21.50 -27.14 11.56
CA CYS D 161 22.49 -26.63 12.49
C CYS D 161 21.84 -26.40 13.83
N LEU D 162 22.51 -26.88 14.87
CA LEU D 162 22.13 -26.58 16.22
C LEU D 162 22.93 -25.37 16.68
N VAL D 163 22.25 -24.34 17.17
CA VAL D 163 22.90 -23.13 17.67
C VAL D 163 22.71 -23.13 19.17
N LYS D 164 23.74 -23.55 19.88
CA LYS D 164 23.63 -23.91 21.29
C LYS D 164 24.16 -22.84 22.27
N ASP D 165 23.37 -22.54 23.30
CA ASP D 165 23.83 -21.78 24.46
C ASP D 165 24.34 -20.37 24.15
N TYR D 166 23.44 -19.47 23.79
CA TYR D 166 23.80 -18.08 23.60
C TYR D 166 22.93 -17.15 24.44
N PHE D 167 23.39 -15.90 24.57
CA PHE D 167 22.65 -14.84 25.24
C PHE D 167 23.18 -13.49 24.78
N PRO D 168 22.28 -12.53 24.53
CA PRO D 168 20.82 -12.60 24.54
C PRO D 168 20.27 -13.01 23.17
N GLU D 169 18.96 -13.04 23.03
CA GLU D 169 18.36 -13.15 21.70
C GLU D 169 18.71 -11.86 20.94
N PRO D 170 18.68 -11.92 19.59
CA PRO D 170 18.31 -13.08 18.79
C PRO D 170 19.50 -13.63 17.99
N VAL D 171 19.31 -14.78 17.35
CA VAL D 171 20.27 -15.28 16.37
C VAL D 171 19.57 -15.37 15.01
N THR D 172 20.30 -15.12 13.92
CA THR D 172 19.74 -15.39 12.59
C THR D 172 20.52 -16.50 11.92
N VAL D 173 19.81 -17.32 11.16
CA VAL D 173 20.45 -18.40 10.44
C VAL D 173 20.00 -18.35 8.98
N SER D 174 20.95 -18.46 8.07
CA SER D 174 20.60 -18.61 6.68
C SER D 174 21.40 -19.77 6.14
N TRP D 175 21.05 -20.21 4.94
CA TRP D 175 21.71 -21.38 4.35
C TRP D 175 22.34 -21.00 3.02
N ASN D 176 23.57 -21.46 2.82
CA ASN D 176 24.34 -21.15 1.62
C ASN D 176 24.29 -19.66 1.29
N SER D 177 24.65 -18.84 2.27
CA SER D 177 24.69 -17.39 2.11
C SER D 177 23.38 -16.80 1.62
N GLY D 178 22.28 -17.46 1.95
CA GLY D 178 20.96 -16.94 1.61
C GLY D 178 20.44 -17.36 0.25
N SER D 179 21.22 -18.16 -0.47
CA SER D 179 20.78 -18.66 -1.76
C SER D 179 19.81 -19.83 -1.60
N LEU D 180 19.94 -20.59 -0.52
CA LEU D 180 19.05 -21.70 -0.25
C LEU D 180 17.95 -21.23 0.70
N THR D 181 16.72 -21.09 0.19
CA THR D 181 15.63 -20.63 1.04
C THR D 181 14.49 -21.62 1.07
N SER D 182 14.42 -22.47 0.06
CA SER D 182 13.36 -23.46 -0.06
C SER D 182 13.55 -24.60 0.93
N GLY D 183 12.49 -24.92 1.67
CA GLY D 183 12.51 -26.03 2.60
C GLY D 183 13.23 -25.70 3.90
N VAL D 184 13.48 -24.42 4.15
CA VAL D 184 14.17 -23.97 5.35
C VAL D 184 13.20 -23.67 6.48
N HIS D 185 13.51 -24.19 7.67
CA HIS D 185 12.65 -23.96 8.83
C HIS D 185 13.52 -23.73 10.07
N THR D 186 13.61 -22.47 10.47
CA THR D 186 14.34 -22.12 11.66
C THR D 186 13.37 -22.08 12.82
N PHE D 187 13.61 -22.90 13.83
CA PHE D 187 12.70 -23.01 14.97
C PHE D 187 12.93 -21.91 15.99
N PRO D 188 11.85 -21.49 16.68
CA PRO D 188 11.97 -20.57 17.80
C PRO D 188 12.85 -21.15 18.91
N ALA D 189 13.63 -20.26 19.51
CA ALA D 189 14.62 -20.63 20.52
C ALA D 189 14.00 -21.22 21.78
N VAL D 190 14.68 -22.19 22.37
CA VAL D 190 14.33 -22.66 23.70
C VAL D 190 15.17 -21.91 24.78
N LEU D 191 14.54 -21.49 25.87
CA LEU D 191 15.28 -20.85 26.96
C LEU D 191 15.54 -21.88 28.06
N GLN D 192 16.81 -22.19 28.28
CA GLN D 192 17.16 -23.20 29.28
C GLN D 192 17.30 -22.66 30.72
N SER D 193 17.30 -23.57 31.69
CA SER D 193 17.39 -23.18 33.11
C SER D 193 18.68 -22.43 33.42
N SER D 194 19.70 -22.61 32.59
CA SER D 194 20.96 -21.88 32.70
C SER D 194 20.79 -20.38 32.43
N GLY D 195 19.74 -20.00 31.73
CA GLY D 195 19.55 -18.63 31.31
C GLY D 195 20.02 -18.41 29.87
N LEU D 196 20.48 -19.48 29.24
CA LEU D 196 21.00 -19.44 27.88
C LEU D 196 20.00 -20.03 26.90
N TYR D 197 20.00 -19.50 25.68
CA TYR D 197 19.09 -19.96 24.64
C TYR D 197 19.75 -20.96 23.74
N SER D 198 18.94 -21.78 23.07
CA SER D 198 19.40 -22.62 21.98
C SER D 198 18.32 -22.64 20.90
N LEU D 199 18.73 -22.70 19.64
CA LEU D 199 17.74 -22.96 18.60
C LEU D 199 18.28 -23.91 17.56
N SER D 200 17.40 -24.40 16.71
CA SER D 200 17.75 -25.24 15.58
C SER D 200 17.18 -24.68 14.28
N SER D 201 17.93 -24.86 13.22
CA SER D 201 17.46 -24.56 11.88
C SER D 201 17.69 -25.79 11.02
N VAL D 202 16.70 -26.15 10.20
CA VAL D 202 16.83 -27.30 9.34
C VAL D 202 16.39 -26.95 7.94
N VAL D 203 16.96 -27.66 6.98
CA VAL D 203 16.57 -27.51 5.60
C VAL D 203 16.40 -28.90 5.04
N THR D 204 15.31 -29.09 4.32
CA THR D 204 15.02 -30.38 3.73
C THR D 204 15.43 -30.35 2.26
N VAL D 205 16.26 -31.32 1.87
CA VAL D 205 16.87 -31.34 0.55
C VAL D 205 16.73 -32.73 -0.07
N PRO D 206 16.90 -32.85 -1.40
CA PRO D 206 16.90 -34.17 -2.03
C PRO D 206 18.00 -35.03 -1.43
N SER D 207 17.69 -36.26 -1.05
CA SER D 207 18.70 -37.16 -0.47
C SER D 207 19.88 -37.43 -1.41
N SER D 208 19.62 -37.41 -2.71
CA SER D 208 20.68 -37.57 -3.70
C SER D 208 21.68 -36.42 -3.67
N SER D 209 21.27 -35.29 -3.09
CA SER D 209 22.10 -34.10 -3.00
C SER D 209 23.20 -34.23 -1.94
N LEU D 210 22.96 -35.03 -0.92
CA LEU D 210 24.01 -35.27 0.07
C LEU D 210 25.24 -35.77 -0.69
N GLY D 211 26.42 -35.47 -0.18
CA GLY D 211 27.63 -35.94 -0.82
C GLY D 211 28.08 -35.12 -2.03
N THR D 212 27.15 -34.76 -2.91
CA THR D 212 27.51 -33.99 -4.11
C THR D 212 27.28 -32.48 -3.96
N GLN D 213 26.62 -32.08 -2.88
CA GLN D 213 26.43 -30.67 -2.56
C GLN D 213 26.94 -30.42 -1.17
N THR D 214 27.57 -29.27 -0.96
CA THR D 214 27.96 -28.90 0.39
C THR D 214 26.97 -27.89 0.93
N TYR D 215 26.45 -28.16 2.12
CA TYR D 215 25.50 -27.26 2.75
C TYR D 215 26.20 -26.51 3.87
N VAL D 216 25.94 -25.21 3.93
CA VAL D 216 26.55 -24.37 4.94
C VAL D 216 25.48 -23.57 5.66
N CYS D 217 25.49 -23.58 6.99
CA CYS D 217 24.58 -22.69 7.67
C CYS D 217 25.34 -21.46 8.12
N ASN D 218 24.77 -20.30 7.84
CA ASN D 218 25.37 -19.04 8.21
C ASN D 218 24.66 -18.52 9.44
N VAL D 219 25.39 -18.50 10.55
CA VAL D 219 24.80 -18.08 11.81
C VAL D 219 25.40 -16.75 12.22
N ASN D 220 24.52 -15.81 12.60
CA ASN D 220 24.94 -14.52 13.10
C ASN D 220 24.34 -14.22 14.47
N HIS D 221 25.18 -13.96 15.45
CA HIS D 221 24.75 -13.50 16.77
C HIS D 221 25.46 -12.18 17.03
N LYS D 222 24.75 -11.10 16.77
CA LYS D 222 25.37 -9.76 16.83
C LYS D 222 25.97 -9.36 18.18
N PRO D 223 25.22 -9.55 19.29
CA PRO D 223 25.73 -9.12 20.61
C PRO D 223 27.10 -9.71 20.94
N SER D 224 27.43 -10.87 20.40
CA SER D 224 28.74 -11.47 20.71
C SER D 224 29.71 -11.39 19.54
N ASN D 225 29.37 -10.63 18.50
CA ASN D 225 30.22 -10.56 17.31
C ASN D 225 30.53 -11.95 16.77
N THR D 226 29.50 -12.78 16.73
CA THR D 226 29.65 -14.14 16.21
C THR D 226 29.01 -14.19 14.83
N LYS D 227 29.81 -14.57 13.84
CA LYS D 227 29.30 -14.72 12.50
C LYS D 227 30.07 -15.88 11.92
N VAL D 228 29.41 -17.02 11.84
CA VAL D 228 30.04 -18.25 11.44
C VAL D 228 29.30 -18.87 10.26
N ASP D 229 30.07 -19.44 9.35
CA ASP D 229 29.51 -20.20 8.25
C ASP D 229 30.01 -21.61 8.44
N LYS D 230 29.15 -22.44 9.03
CA LYS D 230 29.48 -23.81 9.42
C LYS D 230 29.10 -24.80 8.33
N ARG D 231 30.08 -25.52 7.80
CA ARG D 231 29.80 -26.54 6.81
C ARG D 231 29.18 -27.74 7.51
N VAL D 232 28.08 -28.24 6.97
CA VAL D 232 27.42 -29.41 7.54
C VAL D 232 27.97 -30.67 6.89
N GLU D 233 28.83 -31.39 7.59
CA GLU D 233 29.48 -32.56 7.00
C GLU D 233 28.57 -33.78 7.09
N ILE D 234 28.53 -34.54 6.00
CA ILE D 234 27.64 -35.69 5.92
C ILE D 234 28.41 -37.01 5.83
#